data_3T24
#
_entry.id   3T24
#
_cell.length_a   64.722
_cell.length_b   78.464
_cell.length_c   97.519
_cell.angle_alpha   77.76
_cell.angle_beta   81.50
_cell.angle_gamma   70.04
#
_symmetry.space_group_name_H-M   'P 1'
#
loop_
_entity.id
_entity.type
_entity.pdbx_description
1 polymer porin
2 non-polymer 'SULFATE ION'
3 non-polymer (HYDROXYETHYLOXY)TRI(ETHYLOXY)OCTANE
4 water water
#
_entity_poly.entity_id   1
_entity_poly.type   'polypeptide(L)'
_entity_poly.pdbx_seq_one_letter_code
;HHHHHQSEFIKDSKASIELRNFYFNRDFRQEGASQSKAEEWAQGFLLRYESGYTEGTIGFGVDAIGLLGVKLDSSPDRSG
TGLLKRDRETGRAQDDYGEAGITAKLRASKSTLKIGTLTPKLPVIMPNDSRLLPQTFQGGALNSMEIDGLTLDAGRLKKV
NQRDSSDNEDMTITGGGKRQIVVRSGLTSDKFDFAGGSYKWTDNLSTSYHYGKLDNFYKQHYLGLVHTLPIADKQSLKSD
IRWARSTDDGSSNVDNKALNAMFTYSLGYHAFGVGYQKMSGDTGFAYINGADPYLVNFIQIGDFANKDEKSWQARYDYNF
AGVGIPGLTFMTRYVKGDNIDLLTTSGEGKEWERDMDIAYVFQSGPLKNLGVKWRNATMRTNYTNDYDENRLIVSYTLPL
W
;
_entity_poly.pdbx_strand_id   A,B,C
#
# COMPACT_ATOMS: atom_id res chain seq x y z
N GLN A 6 14.44 -53.47 -10.76
CA GLN A 6 15.15 -52.99 -9.59
C GLN A 6 16.67 -53.04 -9.74
N SER A 7 17.15 -53.61 -10.85
CA SER A 7 18.59 -53.66 -11.12
C SER A 7 19.15 -52.30 -11.55
N GLU A 8 18.42 -51.59 -12.40
CA GLU A 8 18.80 -50.24 -12.77
C GLU A 8 18.54 -49.27 -11.62
N PHE A 9 17.43 -49.50 -10.92
CA PHE A 9 17.02 -48.58 -9.87
C PHE A 9 18.13 -48.39 -8.86
N ILE A 10 18.71 -49.50 -8.41
CA ILE A 10 19.75 -49.46 -7.38
C ILE A 10 21.11 -49.12 -7.98
N LYS A 11 21.38 -49.70 -9.15
CA LYS A 11 22.68 -49.55 -9.80
C LYS A 11 22.91 -48.13 -10.31
N ASP A 12 21.86 -47.51 -10.86
CA ASP A 12 21.93 -46.12 -11.31
C ASP A 12 21.73 -45.13 -10.17
N SER A 13 21.48 -45.63 -8.96
CA SER A 13 21.24 -44.76 -7.83
C SER A 13 22.54 -44.18 -7.32
N LYS A 14 22.48 -42.95 -6.84
CA LYS A 14 23.68 -42.26 -6.35
C LYS A 14 23.34 -41.45 -5.11
N ALA A 15 24.34 -41.24 -4.27
CA ALA A 15 24.17 -40.38 -3.10
C ALA A 15 25.49 -39.73 -2.81
N SER A 16 25.45 -38.57 -2.18
CA SER A 16 26.69 -37.87 -1.88
C SER A 16 26.46 -36.82 -0.81
N ILE A 17 27.55 -36.45 -0.17
CA ILE A 17 27.47 -35.42 0.83
C ILE A 17 28.50 -34.39 0.41
N GLU A 18 28.05 -33.16 0.30
CA GLU A 18 28.98 -32.10 -0.02
C GLU A 18 29.21 -31.21 1.20
N LEU A 19 30.48 -31.01 1.54
CA LEU A 19 30.87 -29.93 2.43
C LEU A 19 31.18 -28.65 1.61
N ARG A 20 30.59 -27.53 2.01
CA ARG A 20 30.72 -26.32 1.23
C ARG A 20 30.97 -25.12 2.14
N ASN A 21 32.09 -24.45 1.91
CA ASN A 21 32.43 -23.25 2.66
C ASN A 21 32.39 -22.00 1.79
N PHE A 22 31.63 -21.01 2.22
CA PHE A 22 31.39 -19.83 1.41
C PHE A 22 31.83 -18.62 2.18
N TYR A 23 32.77 -17.88 1.60
CA TYR A 23 33.20 -16.63 2.20
C TYR A 23 33.10 -15.47 1.20
N PHE A 24 32.60 -14.34 1.65
CA PHE A 24 32.70 -13.16 0.81
C PHE A 24 32.83 -11.86 1.58
N ASN A 25 33.59 -10.93 1.02
CA ASN A 25 33.65 -9.59 1.57
C ASN A 25 33.36 -8.56 0.50
N ARG A 26 32.78 -7.45 0.91
CA ARG A 26 32.38 -6.43 -0.04
C ARG A 26 32.75 -5.07 0.51
N ASP A 27 33.40 -4.26 -0.32
CA ASP A 27 33.83 -2.93 0.10
C ASP A 27 33.16 -1.85 -0.76
N PHE A 28 32.21 -1.11 -0.20
CA PHE A 28 31.62 0.03 -0.93
C PHE A 28 32.57 1.21 -1.02
N ARG A 29 32.81 1.64 -2.25
CA ARG A 29 33.77 2.70 -2.52
C ARG A 29 33.08 4.03 -2.86
N GLN A 30 33.50 5.09 -2.18
CA GLN A 30 32.98 6.43 -2.48
C GLN A 30 34.18 7.36 -2.54
N GLU A 31 34.36 8.02 -3.68
CA GLU A 31 35.61 8.71 -3.91
C GLU A 31 36.64 7.58 -3.91
N GLY A 32 37.88 7.85 -3.54
CA GLY A 32 38.88 6.80 -3.48
C GLY A 32 39.01 6.23 -2.09
N ALA A 33 37.87 6.05 -1.42
CA ALA A 33 37.85 5.56 -0.05
C ALA A 33 36.71 4.58 0.26
N SER A 34 36.85 3.89 1.38
CA SER A 34 35.88 2.90 1.83
C SER A 34 34.77 3.55 2.64
N GLN A 35 33.55 3.43 2.14
CA GLN A 35 32.41 4.01 2.82
C GLN A 35 31.77 3.02 3.79
N SER A 36 31.83 1.73 3.45
CA SER A 36 31.29 0.68 4.29
C SER A 36 31.72 -0.69 3.77
N LYS A 37 31.64 -1.70 4.64
CA LYS A 37 32.10 -3.05 4.31
C LYS A 37 31.10 -4.10 4.76
N ALA A 38 31.08 -5.22 4.06
CA ALA A 38 30.31 -6.36 4.51
C ALA A 38 31.16 -7.62 4.42
N GLU A 39 30.88 -8.55 5.31
CA GLU A 39 31.57 -9.83 5.31
C GLU A 39 30.58 -10.92 5.72
N GLU A 40 30.48 -11.96 4.91
CA GLU A 40 29.68 -13.13 5.28
C GLU A 40 30.53 -14.40 5.25
N TRP A 41 30.30 -15.28 6.21
CA TRP A 41 31.00 -16.55 6.24
C TRP A 41 30.03 -17.66 6.63
N ALA A 42 29.96 -18.69 5.80
CA ALA A 42 28.95 -19.71 6.03
C ALA A 42 29.44 -21.12 5.71
N GLN A 43 28.95 -22.11 6.47
CA GLN A 43 29.31 -23.51 6.17
C GLN A 43 28.08 -24.27 5.72
N GLY A 44 28.23 -25.01 4.62
CA GLY A 44 27.13 -25.78 4.07
C GLY A 44 27.35 -27.28 4.13
N PHE A 45 26.24 -28.02 4.26
CA PHE A 45 26.20 -29.48 4.23
C PHE A 45 25.10 -29.85 3.25
N LEU A 46 25.47 -30.47 2.14
CA LEU A 46 24.51 -30.83 1.09
C LEU A 46 24.41 -32.33 0.85
N LEU A 47 23.27 -32.88 1.27
CA LEU A 47 23.02 -34.30 1.12
C LEU A 47 22.16 -34.52 -0.10
N ARG A 48 22.69 -35.27 -1.05
CA ARG A 48 21.96 -35.56 -2.29
C ARG A 48 21.74 -37.05 -2.50
N TYR A 49 20.54 -37.38 -2.98
CA TYR A 49 20.23 -38.74 -3.38
C TYR A 49 19.43 -38.77 -4.67
N GLU A 50 19.86 -39.61 -5.60
CA GLU A 50 19.10 -39.81 -6.83
C GLU A 50 18.93 -41.30 -7.12
N SER A 51 17.69 -41.79 -7.08
CA SER A 51 17.48 -43.19 -7.39
C SER A 51 17.61 -43.33 -8.90
N GLY A 52 17.76 -44.57 -9.36
CA GLY A 52 17.56 -44.89 -10.75
C GLY A 52 16.07 -45.05 -11.02
N TYR A 53 15.71 -45.74 -12.09
CA TYR A 53 14.32 -45.98 -12.43
C TYR A 53 13.95 -47.47 -12.32
N THR A 54 12.77 -47.73 -11.74
CA THR A 54 12.23 -49.09 -11.75
C THR A 54 12.01 -49.53 -13.19
N GLU A 55 12.12 -50.83 -13.43
CA GLU A 55 11.97 -51.39 -14.77
C GLU A 55 10.52 -51.34 -15.26
N GLY A 56 10.36 -51.34 -16.58
CA GLY A 56 9.03 -51.40 -17.17
C GLY A 56 8.68 -50.24 -18.07
N THR A 57 7.51 -50.35 -18.71
CA THR A 57 6.98 -49.31 -19.58
C THR A 57 7.09 -47.94 -18.91
N ILE A 58 6.61 -47.84 -17.68
CA ILE A 58 6.74 -46.60 -16.91
C ILE A 58 7.65 -46.80 -15.70
N GLY A 59 8.80 -46.14 -15.71
CA GLY A 59 9.74 -46.23 -14.60
C GLY A 59 9.48 -45.16 -13.56
N PHE A 60 9.61 -45.54 -12.29
CA PHE A 60 9.46 -44.59 -11.19
C PHE A 60 10.79 -44.47 -10.47
N GLY A 61 11.09 -43.25 -10.05
CA GLY A 61 12.26 -42.99 -9.22
C GLY A 61 11.94 -41.85 -8.28
N VAL A 62 12.90 -41.53 -7.42
CA VAL A 62 12.72 -40.46 -6.46
C VAL A 62 14.07 -39.86 -6.16
N ASP A 63 14.10 -38.53 -6.07
CA ASP A 63 15.27 -37.80 -5.61
C ASP A 63 14.96 -37.14 -4.27
N ALA A 64 15.98 -37.00 -3.45
CA ALA A 64 15.85 -36.31 -2.18
C ALA A 64 17.02 -35.35 -2.02
N ILE A 65 16.74 -34.21 -1.40
CA ILE A 65 17.77 -33.21 -1.19
C ILE A 65 17.70 -32.70 0.26
N GLY A 66 18.85 -32.69 0.93
CA GLY A 66 18.98 -32.16 2.27
C GLY A 66 20.04 -31.06 2.32
N LEU A 67 19.59 -29.82 2.45
CA LEU A 67 20.51 -28.70 2.40
C LEU A 67 20.52 -27.95 3.74
N LEU A 68 21.69 -27.88 4.37
CA LEU A 68 21.80 -27.18 5.64
C LEU A 68 22.88 -26.13 5.57
N GLY A 69 22.47 -24.88 5.82
CA GLY A 69 23.41 -23.78 5.88
C GLY A 69 23.50 -23.17 7.27
N VAL A 70 24.71 -22.82 7.67
CA VAL A 70 24.90 -22.20 8.97
C VAL A 70 25.88 -21.04 8.88
N LYS A 71 25.41 -19.86 9.29
CA LYS A 71 26.24 -18.67 9.29
C LYS A 71 27.36 -18.85 10.29
N LEU A 72 28.58 -18.62 9.84
CA LEU A 72 29.73 -18.65 10.73
C LEU A 72 29.92 -17.29 11.42
N ASP A 73 29.71 -16.19 10.68
CA ASP A 73 29.68 -14.85 11.25
C ASP A 73 29.46 -13.75 10.21
N SER A 74 29.49 -12.50 10.67
CA SER A 74 29.28 -11.36 9.79
C SER A 74 28.52 -10.25 10.50
N GLN A 94 19.01 -16.94 10.10
CA GLN A 94 18.72 -17.16 11.51
C GLN A 94 19.91 -17.88 12.11
N ASP A 95 20.97 -17.98 11.33
CA ASP A 95 22.16 -18.78 11.64
C ASP A 95 22.06 -20.14 10.97
N ASP A 96 20.89 -20.76 11.07
CA ASP A 96 20.62 -22.01 10.37
C ASP A 96 19.50 -21.80 9.38
N TYR A 97 19.68 -22.30 8.18
CA TYR A 97 18.66 -22.24 7.16
C TYR A 97 18.89 -23.38 6.17
N GLY A 98 17.99 -23.52 5.22
CA GLY A 98 18.09 -24.56 4.21
C GLY A 98 16.74 -25.24 4.01
N GLU A 99 16.78 -26.44 3.44
CA GLU A 99 15.55 -27.14 3.08
C GLU A 99 15.78 -28.62 2.81
N ALA A 100 14.70 -29.37 2.84
CA ALA A 100 14.70 -30.76 2.43
C ALA A 100 13.70 -30.86 1.30
N GLY A 101 14.08 -31.56 0.24
CA GLY A 101 13.24 -31.64 -0.94
C GLY A 101 13.17 -33.07 -1.45
N ILE A 102 11.96 -33.45 -1.86
CA ILE A 102 11.73 -34.73 -2.52
C ILE A 102 11.20 -34.46 -3.93
N THR A 103 11.60 -35.30 -4.87
CA THR A 103 11.11 -35.20 -6.23
C THR A 103 10.71 -36.57 -6.71
N ALA A 104 9.47 -36.72 -7.17
CA ALA A 104 9.06 -37.96 -7.82
C ALA A 104 9.43 -37.89 -9.29
N LYS A 105 9.95 -38.99 -9.81
CA LYS A 105 10.37 -39.08 -11.20
C LYS A 105 9.60 -40.17 -11.93
N LEU A 106 9.06 -39.83 -13.09
CA LEU A 106 8.46 -40.79 -14.01
C LEU A 106 9.14 -40.74 -15.35
N ARG A 107 9.36 -41.90 -15.96
CA ARG A 107 10.02 -41.98 -17.24
C ARG A 107 9.36 -43.04 -18.12
N ALA A 108 8.86 -42.62 -19.27
CA ALA A 108 8.47 -43.56 -20.32
C ALA A 108 9.24 -43.26 -21.59
N SER A 109 9.78 -44.30 -22.21
CA SER A 109 10.62 -44.17 -23.40
C SER A 109 11.72 -43.12 -23.15
N LYS A 110 11.63 -41.94 -23.75
CA LYS A 110 12.66 -40.92 -23.52
C LYS A 110 12.09 -39.61 -22.99
N SER A 111 10.98 -39.74 -22.28
CA SER A 111 10.29 -38.62 -21.72
C SER A 111 10.23 -38.82 -20.22
N THR A 112 10.51 -37.75 -19.49
CA THR A 112 10.66 -37.80 -18.03
C THR A 112 9.82 -36.68 -17.42
N LEU A 113 8.95 -37.05 -16.48
CA LEU A 113 8.17 -36.09 -15.73
C LEU A 113 8.67 -36.06 -14.27
N LYS A 114 8.92 -34.86 -13.75
CA LYS A 114 9.40 -34.68 -12.39
C LYS A 114 8.44 -33.79 -11.62
N ILE A 115 8.08 -34.20 -10.41
CA ILE A 115 7.18 -33.43 -9.56
C ILE A 115 7.80 -33.20 -8.18
N GLY A 116 7.79 -31.95 -7.73
CA GLY A 116 8.32 -31.58 -6.42
C GLY A 116 9.43 -30.54 -6.53
N THR A 117 10.59 -30.88 -5.99
CA THR A 117 11.71 -29.95 -5.97
C THR A 117 12.44 -30.01 -7.32
N LEU A 118 12.41 -28.90 -8.06
CA LEU A 118 13.00 -28.84 -9.40
C LEU A 118 14.12 -27.81 -9.49
N THR A 119 15.07 -28.04 -10.38
CA THR A 119 16.11 -27.05 -10.63
C THR A 119 16.35 -26.99 -12.15
N PRO A 120 15.39 -26.41 -12.87
CA PRO A 120 15.43 -26.36 -14.34
C PRO A 120 16.62 -25.54 -14.83
N LYS A 121 17.12 -25.83 -16.02
CA LYS A 121 18.21 -25.05 -16.63
C LYS A 121 17.79 -24.65 -18.03
N LEU A 122 17.20 -23.47 -18.15
CA LEU A 122 16.61 -23.06 -19.42
C LEU A 122 16.85 -21.56 -19.69
N PRO A 123 16.81 -21.16 -20.96
CA PRO A 123 17.04 -19.73 -21.24
C PRO A 123 16.06 -18.85 -20.51
N VAL A 124 14.87 -19.34 -20.20
CA VAL A 124 13.91 -18.52 -19.46
C VAL A 124 13.89 -18.74 -17.96
N ILE A 125 14.78 -19.58 -17.45
CA ILE A 125 14.93 -19.78 -16.00
C ILE A 125 16.26 -20.45 -15.65
N MET A 126 17.20 -19.64 -15.16
CA MET A 126 18.48 -20.16 -14.69
C MET A 126 18.60 -19.92 -13.21
N PRO A 127 18.33 -20.96 -12.42
CA PRO A 127 18.31 -20.90 -10.96
C PRO A 127 19.67 -20.49 -10.43
N ASN A 128 19.71 -19.63 -9.44
CA ASN A 128 20.98 -19.25 -8.86
C ASN A 128 21.67 -20.37 -8.07
N ASP A 129 22.98 -20.51 -8.25
CA ASP A 129 23.77 -21.38 -7.38
C ASP A 129 25.20 -20.86 -7.20
N SER A 130 25.32 -19.59 -6.90
CA SER A 130 26.61 -18.94 -6.79
C SER A 130 26.99 -18.73 -5.33
N ARG A 131 26.02 -18.85 -4.42
CA ARG A 131 26.28 -18.71 -2.98
C ARG A 131 26.51 -20.07 -2.30
N LEU A 132 26.00 -20.25 -1.08
CA LEU A 132 26.23 -21.50 -0.34
C LEU A 132 25.32 -22.64 -0.81
N LEU A 133 24.03 -22.35 -0.85
CA LEU A 133 23.01 -23.30 -1.19
C LEU A 133 22.27 -22.84 -2.46
N PRO A 134 21.90 -23.78 -3.31
CA PRO A 134 21.19 -23.47 -4.55
C PRO A 134 19.78 -22.94 -4.31
N GLN A 135 19.34 -22.06 -5.21
CA GLN A 135 17.94 -21.70 -5.32
C GLN A 135 17.22 -22.91 -5.91
N THR A 136 16.06 -23.27 -5.36
CA THR A 136 15.28 -24.36 -5.92
C THR A 136 13.84 -23.93 -6.09
N PHE A 137 13.07 -24.73 -6.82
CA PHE A 137 11.66 -24.43 -7.08
C PHE A 137 10.78 -25.64 -6.78
N GLN A 138 9.49 -25.39 -6.54
CA GLN A 138 8.53 -26.48 -6.44
C GLN A 138 7.59 -26.43 -7.65
N GLY A 139 7.33 -27.58 -8.24
CA GLY A 139 6.42 -27.61 -9.37
C GLY A 139 6.53 -28.94 -10.09
N GLY A 140 6.31 -28.91 -11.40
CA GLY A 140 6.34 -30.11 -12.20
C GLY A 140 6.92 -29.77 -13.55
N ALA A 141 7.73 -30.67 -14.08
CA ALA A 141 8.42 -30.41 -15.33
C ALA A 141 8.49 -31.66 -16.19
N LEU A 142 8.45 -31.44 -17.49
CA LEU A 142 8.52 -32.51 -18.45
C LEU A 142 9.67 -32.23 -19.41
N ASN A 143 10.57 -33.19 -19.53
CA ASN A 143 11.60 -33.18 -20.55
C ASN A 143 11.43 -34.38 -21.49
N SER A 144 11.54 -34.14 -22.79
CA SER A 144 11.18 -35.15 -23.79
C SER A 144 12.22 -35.18 -24.91
N MET A 145 12.72 -36.36 -25.22
CA MET A 145 13.68 -36.49 -26.30
C MET A 145 13.32 -37.64 -27.24
N GLU A 146 12.03 -37.83 -27.50
CA GLU A 146 11.61 -38.97 -28.32
C GLU A 146 12.19 -38.94 -29.73
N ILE A 147 12.40 -37.73 -30.24
CA ILE A 147 12.88 -37.54 -31.61
C ILE A 147 14.33 -37.10 -31.66
N ASP A 148 15.14 -37.85 -32.43
CA ASP A 148 16.56 -37.60 -32.57
C ASP A 148 16.85 -36.11 -32.77
N GLY A 149 17.59 -35.53 -31.84
CA GLY A 149 18.05 -34.16 -31.95
C GLY A 149 17.07 -33.14 -31.40
N LEU A 150 15.85 -33.59 -31.11
CA LEU A 150 14.83 -32.66 -30.62
C LEU A 150 14.54 -32.87 -29.14
N THR A 151 14.69 -31.79 -28.39
CA THR A 151 14.51 -31.80 -26.96
C THR A 151 13.42 -30.83 -26.60
N LEU A 152 12.35 -31.33 -26.00
CA LEU A 152 11.22 -30.50 -25.64
C LEU A 152 11.12 -30.45 -24.11
N ASP A 153 10.64 -29.32 -23.60
CA ASP A 153 10.44 -29.19 -22.18
C ASP A 153 9.11 -28.47 -21.98
N ALA A 154 8.56 -28.54 -20.78
CA ALA A 154 7.35 -27.80 -20.46
C ALA A 154 7.12 -28.02 -18.97
N GLY A 155 6.58 -27.01 -18.30
CA GLY A 155 6.34 -27.15 -16.89
C GLY A 155 5.70 -25.94 -16.21
N ARG A 156 5.49 -26.11 -14.90
CA ARG A 156 4.95 -25.08 -14.06
C ARG A 156 5.62 -25.08 -12.70
N LEU A 157 6.23 -23.95 -12.36
CA LEU A 157 6.80 -23.73 -11.04
C LEU A 157 5.84 -22.89 -10.20
N LYS A 158 5.64 -23.30 -8.96
CA LYS A 158 4.65 -22.66 -8.10
C LYS A 158 5.28 -21.84 -6.98
N LYS A 159 6.51 -22.16 -6.64
CA LYS A 159 7.14 -21.68 -5.42
C LYS A 159 8.64 -21.69 -5.63
N VAL A 160 9.32 -20.79 -4.93
CA VAL A 160 10.76 -20.71 -5.01
C VAL A 160 11.31 -20.78 -3.61
N ASN A 161 12.46 -21.42 -3.48
CA ASN A 161 13.15 -21.50 -2.20
C ASN A 161 14.48 -20.86 -2.47
N GLN A 162 14.60 -19.62 -2.01
CA GLN A 162 15.79 -18.83 -2.29
C GLN A 162 16.99 -19.42 -1.57
N ARG A 163 18.17 -19.10 -2.06
CA ARG A 163 19.40 -19.67 -1.55
C ARG A 163 19.66 -19.43 -0.05
N ASP A 164 19.20 -18.30 0.47
CA ASP A 164 19.46 -17.94 1.87
C ASP A 164 18.24 -18.23 2.74
N SER A 165 17.25 -18.87 2.15
CA SER A 165 15.94 -19.05 2.78
C SER A 165 15.70 -20.48 3.29
N SER A 166 14.64 -20.67 4.06
CA SER A 166 14.35 -21.99 4.62
C SER A 166 13.07 -22.63 4.13
N ASP A 167 12.20 -21.85 3.51
CA ASP A 167 10.99 -22.44 2.93
C ASP A 167 10.56 -21.81 1.61
N ASN A 168 9.42 -22.30 1.12
CA ASN A 168 8.97 -21.98 -0.21
C ASN A 168 8.05 -20.76 -0.21
N GLU A 169 8.23 -19.91 -1.20
CA GLU A 169 7.45 -18.69 -1.24
C GLU A 169 7.07 -18.31 -2.69
N ASP A 170 6.05 -17.46 -2.83
CA ASP A 170 5.66 -16.97 -4.15
C ASP A 170 6.82 -16.23 -4.82
N MET A 171 6.87 -16.31 -6.14
CA MET A 171 7.92 -15.68 -6.93
C MET A 171 7.65 -14.19 -7.21
N THR A 172 8.72 -13.47 -7.54
CA THR A 172 8.56 -12.11 -8.00
C THR A 172 9.53 -11.88 -9.14
N ILE A 173 9.60 -10.63 -9.58
CA ILE A 173 10.48 -10.28 -10.67
C ILE A 173 11.69 -9.56 -10.12
N THR A 174 12.82 -9.71 -10.78
CA THR A 174 13.99 -8.91 -10.39
C THR A 174 13.70 -7.43 -10.67
N GLY A 175 13.86 -6.59 -9.66
CA GLY A 175 13.58 -5.18 -9.84
C GLY A 175 14.76 -4.31 -9.43
N GLY A 176 14.55 -3.00 -9.37
CA GLY A 176 15.58 -2.11 -8.82
C GLY A 176 16.56 -1.59 -9.85
N GLY A 177 17.68 -1.03 -9.37
CA GLY A 177 18.66 -0.38 -10.21
C GLY A 177 17.98 0.57 -11.20
N LYS A 178 18.42 0.58 -12.45
CA LYS A 178 17.75 1.38 -13.45
C LYS A 178 17.02 0.48 -14.47
N ARG A 179 16.57 -0.69 -14.02
CA ARG A 179 15.80 -1.62 -14.85
C ARG A 179 14.48 -0.98 -15.19
N GLN A 180 14.01 -0.16 -14.27
CA GLN A 180 12.84 0.62 -14.53
C GLN A 180 11.59 -0.30 -14.68
N ILE A 181 11.69 -1.47 -14.05
CA ILE A 181 10.56 -2.37 -13.96
C ILE A 181 9.61 -1.97 -12.82
N VAL A 182 8.37 -1.77 -13.17
CA VAL A 182 7.41 -1.26 -12.23
C VAL A 182 6.22 -2.20 -12.15
N VAL A 183 5.82 -2.50 -10.93
CA VAL A 183 4.88 -3.56 -10.69
C VAL A 183 3.82 -3.07 -9.72
N ARG A 184 2.59 -3.55 -9.90
CA ARG A 184 1.53 -3.28 -8.94
C ARG A 184 2.00 -3.55 -7.49
N SER A 185 1.66 -2.69 -6.57
CA SER A 185 2.10 -2.90 -5.19
C SER A 185 1.70 -4.27 -4.62
N GLY A 186 2.62 -4.92 -3.93
CA GLY A 186 2.34 -6.17 -3.25
C GLY A 186 2.23 -7.36 -4.19
N LEU A 187 2.53 -7.17 -5.47
CA LEU A 187 2.25 -8.23 -6.43
C LEU A 187 3.18 -9.43 -6.27
N THR A 188 2.60 -10.60 -6.33
CA THR A 188 3.39 -11.82 -6.23
C THR A 188 2.78 -12.86 -7.18
N SER A 189 3.51 -13.93 -7.50
CA SER A 189 3.00 -14.96 -8.43
C SER A 189 3.25 -16.41 -7.99
N ASP A 190 2.21 -17.24 -8.01
CA ASP A 190 2.41 -18.67 -7.78
C ASP A 190 2.29 -19.52 -9.06
N LYS A 191 2.59 -18.91 -10.19
CA LYS A 191 2.56 -19.60 -11.47
C LYS A 191 3.62 -19.06 -12.41
N PHE A 192 4.63 -19.88 -12.67
CA PHE A 192 5.56 -19.62 -13.77
C PHE A 192 5.47 -20.77 -14.73
N ASP A 193 4.88 -20.51 -15.90
CA ASP A 193 4.72 -21.57 -16.89
C ASP A 193 5.81 -21.45 -17.93
N PHE A 194 6.31 -22.61 -18.38
CA PHE A 194 7.32 -22.59 -19.41
C PHE A 194 7.14 -23.74 -20.39
N ALA A 195 7.60 -23.52 -21.62
CA ALA A 195 7.60 -24.55 -22.67
C ALA A 195 8.63 -24.13 -23.68
N GLY A 196 9.22 -25.10 -24.34
CA GLY A 196 10.23 -24.78 -25.33
C GLY A 196 10.86 -26.00 -25.95
N GLY A 197 11.91 -25.77 -26.72
CA GLY A 197 12.55 -26.86 -27.43
C GLY A 197 13.85 -26.39 -28.05
N SER A 198 14.61 -27.36 -28.52
CA SER A 198 15.85 -27.05 -29.18
C SER A 198 16.10 -28.19 -30.12
N TYR A 199 16.71 -27.87 -31.26
CA TYR A 199 16.93 -28.81 -32.33
C TYR A 199 18.37 -28.73 -32.82
N LYS A 200 19.05 -29.86 -32.83
CA LYS A 200 20.39 -29.94 -33.37
C LYS A 200 20.32 -30.22 -34.86
N TRP A 201 20.58 -29.20 -35.66
CA TRP A 201 20.51 -29.31 -37.11
C TRP A 201 21.69 -30.14 -37.59
N THR A 202 22.85 -29.90 -36.99
CA THR A 202 24.03 -30.71 -37.25
C THR A 202 24.68 -30.83 -35.89
N ASP A 203 25.74 -31.61 -35.79
CA ASP A 203 26.42 -31.74 -34.51
C ASP A 203 27.17 -30.45 -34.15
N ASN A 204 27.03 -29.43 -34.99
CA ASN A 204 27.67 -28.14 -34.74
C ASN A 204 26.73 -26.94 -34.63
N LEU A 205 25.47 -27.12 -35.02
CA LEU A 205 24.51 -26.03 -35.06
C LEU A 205 23.17 -26.38 -34.42
N SER A 206 22.82 -25.69 -33.35
CA SER A 206 21.48 -25.87 -32.81
C SER A 206 20.78 -24.55 -32.66
N THR A 207 19.45 -24.59 -32.74
CA THR A 207 18.66 -23.42 -32.42
C THR A 207 17.64 -23.81 -31.37
N SER A 208 17.14 -22.81 -30.65
CA SER A 208 16.18 -23.03 -29.60
C SER A 208 15.12 -21.94 -29.57
N TYR A 209 13.93 -22.33 -29.14
CA TYR A 209 12.83 -21.40 -28.92
C TYR A 209 12.21 -21.72 -27.54
N HIS A 210 12.18 -20.74 -26.66
CA HIS A 210 11.65 -20.96 -25.32
C HIS A 210 10.68 -19.86 -24.94
N TYR A 211 9.62 -20.28 -24.25
CA TYR A 211 8.60 -19.42 -23.72
C TYR A 211 8.51 -19.55 -22.20
N GLY A 212 8.39 -18.42 -21.52
CA GLY A 212 8.15 -18.41 -20.09
C GLY A 212 7.15 -17.32 -19.71
N LYS A 213 6.27 -17.64 -18.78
CA LYS A 213 5.32 -16.65 -18.27
C LYS A 213 5.23 -16.66 -16.76
N LEU A 214 5.69 -15.59 -16.13
CA LEU A 214 5.47 -15.41 -14.70
C LEU A 214 4.12 -14.72 -14.54
N ASP A 215 3.12 -15.46 -14.09
CA ASP A 215 1.76 -14.96 -14.16
C ASP A 215 1.65 -13.56 -13.54
N ASN A 216 0.99 -12.67 -14.29
CA ASN A 216 0.78 -11.27 -13.91
C ASN A 216 2.00 -10.35 -14.06
N PHE A 217 3.19 -10.94 -14.20
CA PHE A 217 4.40 -10.15 -14.34
C PHE A 217 4.80 -9.93 -15.79
N TYR A 218 5.07 -11.02 -16.50
CA TYR A 218 5.59 -10.93 -17.86
C TYR A 218 5.48 -12.22 -18.65
N LYS A 219 5.54 -12.06 -19.97
CA LYS A 219 5.69 -13.16 -20.90
C LYS A 219 7.00 -12.93 -21.62
N GLN A 220 7.69 -14.01 -21.97
CA GLN A 220 8.97 -13.85 -22.61
C GLN A 220 9.14 -14.96 -23.65
N HIS A 221 9.61 -14.56 -24.83
CA HIS A 221 10.01 -15.49 -25.88
C HIS A 221 11.51 -15.36 -26.03
N TYR A 222 12.21 -16.48 -25.95
CA TYR A 222 13.65 -16.48 -26.05
C TYR A 222 14.06 -17.28 -27.28
N LEU A 223 14.81 -16.66 -28.18
CA LEU A 223 15.34 -17.41 -29.31
C LEU A 223 16.85 -17.56 -29.18
N GLY A 224 17.34 -18.73 -29.55
CA GLY A 224 18.76 -18.99 -29.47
C GLY A 224 19.28 -19.70 -30.69
N LEU A 225 20.58 -19.51 -30.94
CA LEU A 225 21.28 -20.12 -32.06
C LEU A 225 22.68 -20.29 -31.53
N VAL A 226 23.15 -21.53 -31.49
CA VAL A 226 24.51 -21.81 -31.05
C VAL A 226 25.28 -22.53 -32.15
N HIS A 227 26.41 -21.96 -32.57
CA HIS A 227 27.18 -22.58 -33.63
C HIS A 227 28.64 -22.73 -33.20
N THR A 228 29.13 -23.97 -33.26
CA THR A 228 30.54 -24.22 -32.97
C THR A 228 31.22 -24.56 -34.29
N LEU A 229 32.33 -23.87 -34.55
CA LEU A 229 33.01 -23.99 -35.83
C LEU A 229 34.47 -24.35 -35.63
N PRO A 230 34.82 -25.62 -35.88
CA PRO A 230 36.20 -26.08 -35.72
C PRO A 230 37.03 -25.64 -36.91
N ILE A 231 37.98 -24.73 -36.69
CA ILE A 231 38.89 -24.32 -37.75
C ILE A 231 39.89 -25.43 -37.98
N ALA A 232 40.41 -25.97 -36.88
CA ALA A 232 41.29 -27.14 -36.91
C ALA A 232 41.26 -27.70 -35.49
N ASP A 233 42.26 -28.52 -35.16
CA ASP A 233 42.44 -28.90 -33.77
C ASP A 233 43.82 -28.52 -33.26
N LYS A 234 43.84 -27.85 -32.12
CA LYS A 234 42.60 -27.59 -31.41
C LYS A 234 42.19 -26.12 -31.49
N GLN A 235 41.44 -25.80 -32.54
CA GLN A 235 40.93 -24.45 -32.75
C GLN A 235 39.45 -24.48 -33.06
N SER A 236 38.71 -23.56 -32.46
CA SER A 236 37.27 -23.56 -32.58
C SER A 236 36.71 -22.15 -32.34
N LEU A 237 35.65 -21.84 -33.06
CA LEU A 237 34.91 -20.60 -32.86
C LEU A 237 33.46 -20.92 -32.52
N LYS A 238 33.07 -20.63 -31.28
CA LYS A 238 31.70 -20.84 -30.85
C LYS A 238 30.92 -19.55 -30.97
N SER A 239 29.79 -19.60 -31.69
CA SER A 239 28.91 -18.45 -31.82
C SER A 239 27.62 -18.68 -31.05
N ASP A 240 27.38 -17.83 -30.05
CA ASP A 240 26.23 -17.95 -29.17
C ASP A 240 25.35 -16.71 -29.37
N ILE A 241 24.32 -16.83 -30.19
CA ILE A 241 23.46 -15.67 -30.48
C ILE A 241 22.08 -15.84 -29.84
N ARG A 242 21.60 -14.77 -29.23
CA ARG A 242 20.42 -14.81 -28.38
C ARG A 242 19.53 -13.59 -28.58
N TRP A 243 18.23 -13.78 -28.44
CA TRP A 243 17.30 -12.67 -28.57
C TRP A 243 16.02 -12.98 -27.83
N ALA A 244 15.60 -12.07 -26.95
CA ALA A 244 14.44 -12.32 -26.12
C ALA A 244 13.51 -11.13 -26.14
N ARG A 245 12.23 -11.40 -26.30
CA ARG A 245 11.20 -10.38 -26.22
C ARG A 245 10.41 -10.66 -24.94
N SER A 246 10.36 -9.66 -24.06
CA SER A 246 9.58 -9.78 -22.83
C SER A 246 8.50 -8.73 -22.88
N THR A 247 7.33 -9.07 -22.35
CA THR A 247 6.17 -8.22 -22.47
C THR A 247 5.40 -8.36 -21.16
N ASP A 248 4.57 -7.39 -20.82
CA ASP A 248 3.93 -7.45 -19.51
C ASP A 248 2.74 -8.42 -19.49
N ASP A 249 2.28 -8.79 -18.30
CA ASP A 249 1.14 -9.71 -18.18
C ASP A 249 -0.01 -9.11 -17.34
N GLY A 250 -0.22 -7.80 -17.48
CA GLY A 250 -1.36 -7.16 -16.87
C GLY A 250 -1.08 -6.31 -15.64
N SER A 251 0.00 -6.61 -14.91
CA SER A 251 0.19 -5.91 -13.66
C SER A 251 1.61 -5.38 -13.50
N SER A 252 2.37 -5.33 -14.59
CA SER A 252 3.67 -4.66 -14.62
C SER A 252 3.78 -3.76 -15.84
N ASN A 253 4.95 -3.18 -16.07
CA ASN A 253 5.19 -2.35 -17.25
C ASN A 253 6.28 -2.98 -18.11
N VAL A 254 6.60 -4.23 -17.82
CA VAL A 254 7.65 -4.93 -18.54
C VAL A 254 7.52 -4.77 -20.05
N ASP A 255 8.61 -4.37 -20.69
CA ASP A 255 8.63 -4.17 -22.14
C ASP A 255 10.08 -4.13 -22.60
N ASN A 256 10.58 -5.26 -23.08
CA ASN A 256 12.01 -5.37 -23.29
C ASN A 256 12.38 -6.28 -24.45
N LYS A 257 13.38 -5.85 -25.19
CA LYS A 257 14.03 -6.76 -26.13
C LYS A 257 15.50 -6.83 -25.72
N ALA A 258 16.05 -8.03 -25.72
CA ALA A 258 17.41 -8.22 -25.28
C ALA A 258 18.18 -8.97 -26.34
N LEU A 259 19.00 -8.24 -27.10
CA LEU A 259 19.89 -8.89 -28.05
C LEU A 259 21.22 -9.06 -27.34
N ASN A 260 21.71 -10.29 -27.33
CA ASN A 260 22.99 -10.57 -26.69
C ASN A 260 23.66 -11.78 -27.32
N ALA A 261 24.94 -11.62 -27.64
CA ALA A 261 25.69 -12.62 -28.35
C ALA A 261 27.13 -12.66 -27.86
N MET A 262 27.70 -13.86 -27.86
CA MET A 262 29.07 -14.05 -27.45
C MET A 262 29.78 -14.88 -28.48
N PHE A 263 31.03 -14.52 -28.76
CA PHE A 263 31.84 -15.25 -29.70
C PHE A 263 33.10 -15.64 -28.97
N THR A 264 33.39 -16.93 -28.95
CA THR A 264 34.53 -17.43 -28.20
C THR A 264 35.43 -18.30 -29.09
N TYR A 265 36.57 -17.73 -29.45
CA TYR A 265 37.56 -18.43 -30.25
C TYR A 265 38.49 -19.19 -29.32
N SER A 266 38.54 -20.51 -29.45
CA SER A 266 39.35 -21.32 -28.55
C SER A 266 40.57 -21.87 -29.27
N LEU A 267 41.74 -21.70 -28.68
CA LEU A 267 42.93 -22.33 -29.22
C LEU A 267 43.85 -22.89 -28.14
N GLY A 268 44.04 -24.21 -28.18
CA GLY A 268 44.81 -24.90 -27.17
C GLY A 268 44.13 -24.76 -25.82
N TYR A 269 44.87 -24.20 -24.86
CA TYR A 269 44.32 -24.00 -23.52
C TYR A 269 43.93 -22.53 -23.27
N HIS A 270 43.87 -21.76 -24.35
CA HIS A 270 43.42 -20.38 -24.28
C HIS A 270 42.05 -20.30 -24.89
N ALA A 271 41.27 -19.32 -24.42
CA ALA A 271 40.01 -18.95 -25.03
C ALA A 271 39.89 -17.45 -24.94
N PHE A 272 39.56 -16.80 -26.05
CA PHE A 272 39.37 -15.36 -26.07
C PHE A 272 37.94 -15.09 -26.49
N GLY A 273 37.19 -14.39 -25.66
CA GLY A 273 35.78 -14.21 -25.93
C GLY A 273 35.40 -12.75 -26.02
N VAL A 274 34.46 -12.46 -26.91
CA VAL A 274 33.89 -11.14 -27.03
C VAL A 274 32.38 -11.22 -26.91
N GLY A 275 31.76 -10.33 -26.14
CA GLY A 275 30.32 -10.35 -25.98
C GLY A 275 29.70 -8.98 -26.17
N TYR A 276 28.47 -8.98 -26.71
CA TYR A 276 27.72 -7.77 -26.96
C TYR A 276 26.32 -7.96 -26.41
N GLN A 277 25.78 -6.91 -25.81
CA GLN A 277 24.48 -7.03 -25.19
C GLN A 277 23.77 -5.68 -25.29
N LYS A 278 22.49 -5.71 -25.67
CA LYS A 278 21.73 -4.48 -25.87
C LYS A 278 20.29 -4.63 -25.40
N MET A 279 19.92 -3.79 -24.44
CA MET A 279 18.56 -3.67 -23.97
C MET A 279 17.85 -2.56 -24.76
N SER A 280 16.59 -2.80 -25.12
CA SER A 280 15.75 -1.73 -25.60
C SER A 280 14.33 -1.97 -25.16
N GLY A 281 13.49 -0.94 -25.31
CA GLY A 281 12.12 -0.94 -24.85
C GLY A 281 12.06 -0.15 -23.57
N ASP A 282 10.91 -0.12 -22.92
CA ASP A 282 10.72 0.74 -21.76
C ASP A 282 11.34 0.23 -20.45
N THR A 283 11.79 -1.03 -20.40
CA THR A 283 12.44 -1.57 -19.19
C THR A 283 13.64 -2.43 -19.57
N GLY A 284 14.47 -2.77 -18.58
CA GLY A 284 15.49 -3.78 -18.80
C GLY A 284 14.97 -5.23 -18.88
N PHE A 285 15.88 -6.19 -18.92
CA PHE A 285 15.55 -7.62 -19.02
C PHE A 285 14.67 -8.17 -17.88
N ALA A 286 13.73 -9.04 -18.23
CA ALA A 286 12.82 -9.64 -17.23
C ALA A 286 13.26 -11.05 -16.80
N TYR A 287 13.42 -11.26 -15.49
CA TYR A 287 13.73 -12.60 -14.96
C TYR A 287 13.33 -12.79 -13.50
N ILE A 288 13.05 -14.04 -13.12
CA ILE A 288 12.58 -14.33 -11.76
C ILE A 288 13.55 -13.78 -10.73
N ASN A 289 13.00 -13.12 -9.73
CA ASN A 289 13.81 -12.55 -8.68
C ASN A 289 14.54 -13.67 -7.91
N GLY A 290 15.86 -13.57 -7.82
CA GLY A 290 16.66 -14.59 -7.19
C GLY A 290 17.37 -15.46 -8.22
N ALA A 291 16.81 -15.58 -9.42
CA ALA A 291 17.49 -16.38 -10.41
C ALA A 291 18.57 -15.57 -11.09
N ASP A 292 19.34 -16.22 -11.95
CA ASP A 292 20.30 -15.57 -12.85
C ASP A 292 19.66 -15.28 -14.19
N PRO A 293 19.99 -14.12 -14.77
CA PRO A 293 19.41 -13.87 -16.08
C PRO A 293 20.31 -14.56 -17.08
N TYR A 294 19.70 -15.21 -18.07
CA TYR A 294 20.47 -15.81 -19.11
C TYR A 294 20.93 -14.75 -20.09
N LEU A 295 22.02 -14.06 -19.76
CA LEU A 295 22.55 -12.95 -20.58
C LEU A 295 24.07 -13.04 -20.68
N VAL A 296 24.63 -12.85 -21.86
CA VAL A 296 26.07 -13.04 -22.02
C VAL A 296 26.93 -12.08 -21.20
N ASN A 297 26.41 -10.90 -20.87
CA ASN A 297 27.21 -9.96 -20.07
C ASN A 297 26.82 -9.88 -18.61
N PHE A 298 26.01 -10.84 -18.18
CA PHE A 298 25.74 -11.03 -16.79
C PHE A 298 27.00 -11.64 -16.20
N ILE A 299 27.61 -10.95 -15.23
CA ILE A 299 28.86 -11.42 -14.63
C ILE A 299 28.80 -11.33 -13.10
N GLN A 300 29.93 -11.08 -12.45
CA GLN A 300 29.93 -11.29 -11.00
C GLN A 300 29.04 -10.32 -10.26
N ILE A 301 29.14 -9.03 -10.58
CA ILE A 301 28.37 -8.06 -9.82
C ILE A 301 27.17 -7.54 -10.60
N GLY A 302 27.42 -7.12 -11.84
CA GLY A 302 26.38 -6.51 -12.65
C GLY A 302 25.82 -7.40 -13.75
N ASP A 303 24.54 -7.22 -14.06
CA ASP A 303 23.96 -7.93 -15.20
C ASP A 303 23.85 -7.06 -16.47
N PHE A 304 24.21 -5.78 -16.34
CA PHE A 304 24.21 -4.86 -17.47
C PHE A 304 22.90 -4.91 -18.22
N ALA A 305 21.83 -5.04 -17.45
CA ALA A 305 20.50 -5.22 -17.98
C ALA A 305 19.54 -4.07 -17.63
N ASN A 306 20.09 -2.87 -17.42
CA ASN A 306 19.27 -1.68 -17.18
C ASN A 306 18.61 -1.15 -18.47
N LYS A 307 17.57 -0.34 -18.31
CA LYS A 307 16.88 0.24 -19.46
C LYS A 307 17.85 0.86 -20.47
N ASP A 308 17.74 0.44 -21.73
CA ASP A 308 18.57 0.97 -22.83
C ASP A 308 20.05 0.62 -22.76
N GLU A 309 20.47 -0.08 -21.72
CA GLU A 309 21.88 -0.38 -21.56
C GLU A 309 22.47 -1.17 -22.73
N LYS A 310 23.62 -0.71 -23.23
CA LYS A 310 24.42 -1.45 -24.19
C LYS A 310 25.73 -1.75 -23.49
N SER A 311 26.28 -2.92 -23.71
CA SER A 311 27.52 -3.32 -23.04
C SER A 311 28.38 -4.22 -23.93
N TRP A 312 29.69 -4.12 -23.74
CA TRP A 312 30.62 -4.97 -24.47
C TRP A 312 31.44 -5.69 -23.46
N GLN A 313 31.75 -6.95 -23.74
CA GLN A 313 32.60 -7.75 -22.87
C GLN A 313 33.81 -8.30 -23.60
N ALA A 314 34.94 -8.31 -22.91
CA ALA A 314 36.10 -9.05 -23.37
C ALA A 314 36.53 -10.01 -22.27
N ARG A 315 36.77 -11.26 -22.64
CA ARG A 315 37.10 -12.28 -21.67
C ARG A 315 38.29 -13.12 -22.11
N TYR A 316 39.17 -13.44 -21.16
CA TYR A 316 40.26 -14.34 -21.42
C TYR A 316 40.27 -15.51 -20.44
N ASP A 317 40.42 -16.71 -20.98
CA ASP A 317 40.56 -17.91 -20.16
C ASP A 317 41.87 -18.61 -20.45
N TYR A 318 42.55 -19.06 -19.41
CA TYR A 318 43.63 -20.03 -19.59
C TYR A 318 43.50 -21.21 -18.64
N ASN A 319 43.75 -22.40 -19.19
CA ASN A 319 43.76 -23.64 -18.42
C ASN A 319 45.20 -24.13 -18.26
N PHE A 320 45.74 -24.01 -17.03
CA PHE A 320 47.14 -24.35 -16.76
C PHE A 320 47.52 -25.79 -17.06
N ALA A 321 46.55 -26.65 -17.37
CA ALA A 321 46.90 -28.02 -17.79
C ALA A 321 47.82 -27.92 -18.99
N GLY A 322 47.61 -26.89 -19.81
CA GLY A 322 48.39 -26.65 -21.01
C GLY A 322 49.86 -26.69 -20.69
N VAL A 323 50.16 -26.68 -19.40
CA VAL A 323 51.54 -26.76 -18.95
C VAL A 323 51.56 -27.58 -17.66
N GLY A 324 52.27 -27.08 -16.65
CA GLY A 324 52.25 -27.77 -15.37
C GLY A 324 51.17 -27.13 -14.47
N ILE A 325 50.47 -27.97 -13.72
CA ILE A 325 49.36 -27.61 -12.81
C ILE A 325 48.00 -27.84 -13.47
N PRO A 326 47.70 -29.10 -13.80
CA PRO A 326 46.34 -29.45 -14.19
C PRO A 326 45.40 -29.17 -13.03
N GLY A 327 44.18 -28.75 -13.32
CA GLY A 327 43.21 -28.48 -12.28
C GLY A 327 43.25 -27.04 -11.81
N LEU A 328 44.20 -26.28 -12.35
CA LEU A 328 44.30 -24.85 -12.08
C LEU A 328 43.83 -24.07 -13.29
N THR A 329 42.83 -23.22 -13.10
CA THR A 329 42.31 -22.40 -14.19
C THR A 329 42.30 -20.92 -13.84
N PHE A 330 42.50 -20.08 -14.86
CA PHE A 330 42.45 -18.65 -14.70
C PHE A 330 41.38 -18.12 -15.60
N MET A 331 40.76 -17.03 -15.20
CA MET A 331 39.80 -16.35 -16.05
C MET A 331 39.79 -14.89 -15.67
N THR A 332 39.70 -14.01 -16.66
CA THR A 332 39.46 -12.60 -16.40
C THR A 332 38.56 -12.04 -17.48
N ARG A 333 37.72 -11.09 -17.08
CA ARG A 333 36.83 -10.45 -18.04
C ARG A 333 36.57 -9.00 -17.68
N TYR A 334 36.21 -8.24 -18.70
CA TYR A 334 35.94 -6.83 -18.57
C TYR A 334 34.65 -6.53 -19.29
N VAL A 335 33.76 -5.79 -18.65
CA VAL A 335 32.53 -5.39 -19.29
C VAL A 335 32.24 -3.90 -19.15
N LYS A 336 31.94 -3.26 -20.27
CA LYS A 336 31.69 -1.83 -20.27
C LYS A 336 30.26 -1.55 -20.72
N GLY A 337 29.50 -0.85 -19.89
CA GLY A 337 28.12 -0.55 -20.22
C GLY A 337 27.83 0.95 -20.29
N ASP A 338 26.95 1.34 -21.22
CA ASP A 338 26.53 2.73 -21.28
C ASP A 338 25.13 2.87 -21.84
N ASN A 339 24.70 4.11 -22.04
CA ASN A 339 23.42 4.39 -22.68
C ASN A 339 22.28 4.10 -21.72
N ILE A 340 22.61 4.03 -20.44
CA ILE A 340 21.62 3.73 -19.44
C ILE A 340 20.71 4.92 -19.22
N ASP A 341 19.41 4.68 -19.34
CA ASP A 341 18.44 5.68 -18.98
C ASP A 341 18.38 5.81 -17.45
N LEU A 342 18.64 7.00 -16.96
CA LEU A 342 18.70 7.24 -15.52
C LEU A 342 17.33 7.50 -14.94
N LEU A 343 16.33 7.67 -15.81
CA LEU A 343 14.93 7.55 -15.38
C LEU A 343 14.38 8.80 -14.68
N THR A 344 15.14 9.33 -13.74
CA THR A 344 14.66 10.48 -12.97
C THR A 344 15.55 11.70 -13.15
N THR A 345 16.55 11.55 -13.99
CA THR A 345 17.48 12.63 -14.27
C THR A 345 17.99 12.39 -15.67
N SER A 346 18.35 13.49 -16.33
CA SER A 346 18.89 13.50 -17.68
C SER A 346 20.34 13.06 -17.63
N GLY A 347 20.84 12.61 -18.77
CA GLY A 347 22.23 12.22 -18.83
C GLY A 347 22.35 10.73 -19.01
N GLU A 348 23.54 10.29 -19.37
CA GLU A 348 23.77 8.91 -19.72
C GLU A 348 24.39 8.16 -18.54
N GLY A 349 23.78 7.06 -18.12
CA GLY A 349 24.35 6.22 -17.09
C GLY A 349 25.40 5.30 -17.69
N LYS A 350 26.53 5.19 -17.00
CA LYS A 350 27.60 4.30 -17.47
C LYS A 350 28.14 3.47 -16.31
N GLU A 351 28.62 2.28 -16.61
CA GLU A 351 29.16 1.45 -15.56
C GLU A 351 30.13 0.46 -16.16
N TRP A 352 31.11 0.04 -15.37
CA TRP A 352 32.01 -0.97 -15.87
C TRP A 352 32.50 -1.87 -14.78
N GLU A 353 32.73 -3.12 -15.16
CA GLU A 353 33.17 -4.13 -14.22
C GLU A 353 34.35 -4.92 -14.75
N ARG A 354 35.25 -5.29 -13.85
CA ARG A 354 36.31 -6.23 -14.18
C ARG A 354 36.25 -7.38 -13.19
N ASP A 355 36.35 -8.61 -13.70
CA ASP A 355 36.37 -9.81 -12.85
C ASP A 355 37.65 -10.61 -13.05
N MET A 356 38.09 -11.24 -11.97
CA MET A 356 39.24 -12.14 -12.02
C MET A 356 38.92 -13.42 -11.20
N ASP A 357 38.92 -14.57 -11.86
CA ASP A 357 38.69 -15.85 -11.18
C ASP A 357 39.89 -16.76 -11.20
N ILE A 358 40.23 -17.30 -10.04
CA ILE A 358 41.26 -18.32 -9.96
C ILE A 358 40.70 -19.53 -9.26
N ALA A 359 40.81 -20.69 -9.89
CA ALA A 359 40.21 -21.91 -9.37
C ALA A 359 41.19 -23.10 -9.43
N TYR A 360 41.24 -23.86 -8.35
CA TYR A 360 42.09 -25.04 -8.28
C TYR A 360 41.30 -26.25 -7.77
N VAL A 361 41.53 -27.39 -8.42
CA VAL A 361 40.97 -28.66 -7.99
C VAL A 361 42.09 -29.65 -7.77
N PHE A 362 42.20 -30.16 -6.55
CA PHE A 362 43.27 -31.12 -6.25
C PHE A 362 43.12 -32.39 -7.09
N GLN A 363 44.21 -32.77 -7.75
CA GLN A 363 44.21 -33.86 -8.70
C GLN A 363 44.65 -35.18 -8.04
N SER A 364 45.24 -35.09 -6.86
CA SER A 364 45.75 -36.26 -6.17
C SER A 364 46.05 -36.00 -4.70
N GLY A 365 46.51 -37.04 -4.01
CA GLY A 365 46.71 -36.98 -2.58
C GLY A 365 45.39 -37.18 -1.86
N PRO A 366 45.42 -37.13 -0.52
CA PRO A 366 44.22 -37.32 0.30
C PRO A 366 43.23 -36.18 0.10
N LEU A 367 43.71 -35.10 -0.48
CA LEU A 367 42.90 -33.90 -0.69
C LEU A 367 42.20 -33.96 -2.05
N LYS A 368 42.41 -35.04 -2.79
CA LYS A 368 41.90 -35.13 -4.14
C LYS A 368 40.45 -34.68 -4.27
N ASN A 369 40.16 -33.96 -5.34
CA ASN A 369 38.80 -33.47 -5.62
C ASN A 369 38.35 -32.29 -4.79
N LEU A 370 39.15 -31.92 -3.78
CA LEU A 370 38.86 -30.70 -3.04
C LEU A 370 38.92 -29.55 -4.03
N GLY A 371 37.86 -28.76 -4.06
CA GLY A 371 37.82 -27.58 -4.93
C GLY A 371 37.89 -26.27 -4.17
N VAL A 372 38.67 -25.33 -4.70
CA VAL A 372 38.77 -24.00 -4.10
C VAL A 372 38.72 -22.95 -5.22
N LYS A 373 37.86 -21.95 -5.04
CA LYS A 373 37.69 -20.95 -6.09
C LYS A 373 37.61 -19.55 -5.52
N TRP A 374 38.47 -18.67 -6.05
CA TRP A 374 38.50 -17.27 -5.68
C TRP A 374 37.91 -16.42 -6.82
N ARG A 375 36.89 -15.62 -6.49
CA ARG A 375 36.24 -14.75 -7.47
C ARG A 375 36.36 -13.29 -7.02
N ASN A 376 37.07 -12.51 -7.82
CA ASN A 376 37.33 -11.12 -7.50
C ASN A 376 36.66 -10.13 -8.45
N ALA A 377 36.01 -9.11 -7.92
CA ALA A 377 35.28 -8.18 -8.79
C ALA A 377 35.39 -6.72 -8.39
N THR A 378 35.49 -5.85 -9.39
CA THR A 378 35.39 -4.40 -9.20
C THR A 378 34.28 -3.85 -10.09
N MET A 379 33.37 -3.09 -9.49
CA MET A 379 32.28 -2.46 -10.22
C MET A 379 32.35 -0.94 -10.04
N ARG A 380 32.42 -0.19 -11.13
CA ARG A 380 32.38 1.28 -11.02
C ARG A 380 31.28 1.90 -11.88
N THR A 381 30.66 2.95 -11.37
CA THR A 381 29.60 3.61 -12.13
C THR A 381 29.69 5.12 -12.07
N ASN A 382 28.88 5.80 -12.88
CA ASN A 382 28.83 7.25 -12.83
C ASN A 382 27.54 7.73 -12.20
N TYR A 383 26.78 6.84 -11.56
CA TYR A 383 25.46 7.22 -11.10
C TYR A 383 24.96 6.55 -9.81
N THR A 384 25.61 5.48 -9.36
CA THR A 384 25.15 4.77 -8.17
C THR A 384 26.31 4.18 -7.35
N ASN A 385 26.01 3.26 -6.42
CA ASN A 385 27.02 2.74 -5.49
C ASN A 385 28.12 1.97 -6.18
N ASP A 386 29.36 2.23 -5.82
CA ASP A 386 30.48 1.41 -6.31
C ASP A 386 30.93 0.42 -5.25
N TYR A 387 31.24 -0.81 -5.64
CA TYR A 387 31.96 -1.68 -4.72
C TYR A 387 32.87 -2.72 -5.33
N ASP A 388 33.82 -3.17 -4.51
CA ASP A 388 34.65 -4.33 -4.77
C ASP A 388 34.12 -5.50 -3.97
N GLU A 389 34.44 -6.71 -4.40
CA GLU A 389 33.91 -7.90 -3.76
C GLU A 389 34.82 -9.07 -4.02
N ASN A 390 35.09 -9.84 -2.97
CA ASN A 390 35.82 -11.10 -3.10
C ASN A 390 34.96 -12.25 -2.59
N ARG A 391 34.89 -13.32 -3.36
CA ARG A 391 34.27 -14.56 -2.91
C ARG A 391 35.31 -15.67 -2.86
N LEU A 392 35.35 -16.39 -1.75
CA LEU A 392 36.08 -17.66 -1.70
C LEU A 392 35.07 -18.80 -1.47
N ILE A 393 35.07 -19.77 -2.38
CA ILE A 393 34.22 -20.93 -2.23
C ILE A 393 35.09 -22.19 -2.09
N VAL A 394 34.96 -22.90 -0.97
CA VAL A 394 35.70 -24.16 -0.76
C VAL A 394 34.73 -25.32 -0.80
N SER A 395 35.00 -26.29 -1.66
CA SER A 395 34.03 -27.34 -1.91
C SER A 395 34.61 -28.75 -2.00
N TYR A 396 33.98 -29.68 -1.29
CA TYR A 396 34.42 -31.08 -1.33
C TYR A 396 33.21 -31.98 -1.36
N THR A 397 33.10 -32.80 -2.39
CA THR A 397 31.98 -33.73 -2.55
C THR A 397 32.39 -35.20 -2.34
N LEU A 398 31.72 -35.88 -1.41
CA LEU A 398 32.04 -37.28 -1.13
C LEU A 398 30.85 -38.19 -1.45
N PRO A 399 30.99 -39.00 -2.50
CA PRO A 399 30.00 -40.01 -2.85
C PRO A 399 29.78 -40.91 -1.66
N LEU A 400 28.56 -41.37 -1.46
CA LEU A 400 28.33 -42.32 -0.39
C LEU A 400 28.54 -43.71 -0.97
N TRP A 401 28.65 -43.77 -2.30
CA TRP A 401 28.89 -45.03 -2.99
C TRP A 401 28.95 -44.83 -4.50
N ILE B 10 27.63 36.79 26.40
CA ILE B 10 27.02 35.70 25.63
C ILE B 10 25.51 35.89 25.51
N LYS B 11 24.81 35.70 26.64
CA LYS B 11 23.37 35.95 26.70
C LYS B 11 22.97 37.20 25.90
N ASP B 12 21.71 37.30 25.50
CA ASP B 12 20.65 36.37 25.87
C ASP B 12 20.80 35.00 25.19
N SER B 13 20.87 33.96 26.01
CA SER B 13 20.85 32.60 25.54
C SER B 13 19.87 31.80 26.39
N LYS B 14 19.66 30.54 26.03
CA LYS B 14 19.03 29.58 26.91
C LYS B 14 20.03 28.47 27.19
N ALA B 15 19.94 27.85 28.36
CA ALA B 15 20.84 26.76 28.71
C ALA B 15 20.20 25.86 29.77
N SER B 16 20.33 24.56 29.59
CA SER B 16 19.75 23.63 30.55
C SER B 16 20.59 22.37 30.81
N ILE B 17 20.33 21.77 31.97
CA ILE B 17 20.96 20.52 32.34
C ILE B 17 19.84 19.53 32.59
N GLU B 18 19.99 18.35 32.03
CA GLU B 18 19.09 17.27 32.38
C GLU B 18 19.82 16.08 32.96
N LEU B 19 19.34 15.63 34.11
CA LEU B 19 19.78 14.40 34.74
C LEU B 19 18.76 13.30 34.46
N ARG B 20 19.20 12.24 33.80
CA ARG B 20 18.35 11.11 33.48
C ARG B 20 18.86 9.83 34.14
N ASN B 21 17.99 9.16 34.89
CA ASN B 21 18.27 7.79 35.31
C ASN B 21 17.33 6.82 34.60
N PHE B 22 17.93 5.77 34.04
CA PHE B 22 17.17 4.82 33.23
C PHE B 22 17.40 3.38 33.72
N TYR B 23 16.30 2.68 33.97
CA TYR B 23 16.36 1.27 34.32
C TYR B 23 15.45 0.44 33.43
N PHE B 24 15.97 -0.68 32.94
CA PHE B 24 15.30 -1.46 31.92
C PHE B 24 15.55 -2.93 32.20
N ASN B 25 14.47 -3.70 32.30
CA ASN B 25 14.60 -5.16 32.32
C ASN B 25 13.72 -5.82 31.25
N ARG B 26 14.26 -6.87 30.64
CA ARG B 26 13.56 -7.56 29.57
C ARG B 26 13.56 -9.05 29.84
N ASP B 27 12.38 -9.65 29.74
CA ASP B 27 12.24 -11.08 29.92
C ASP B 27 11.84 -11.68 28.59
N PHE B 28 12.77 -12.38 27.94
CA PHE B 28 12.49 -13.13 26.72
C PHE B 28 11.94 -14.51 27.06
N ARG B 29 10.73 -14.81 26.60
CA ARG B 29 10.06 -16.05 26.98
C ARG B 29 9.90 -17.02 25.81
N SER B 34 9.89 -17.76 31.80
CA SER B 34 10.96 -16.77 31.79
C SER B 34 12.30 -17.39 31.37
N GLN B 35 12.52 -17.50 30.06
CA GLN B 35 13.74 -18.11 29.53
C GLN B 35 14.99 -17.30 29.85
N SER B 36 15.11 -16.11 29.27
CA SER B 36 16.28 -15.26 29.54
C SER B 36 15.89 -13.84 29.93
N LYS B 37 16.44 -13.39 31.05
CA LYS B 37 16.20 -12.05 31.56
C LYS B 37 17.41 -11.19 31.22
N ALA B 38 17.21 -9.87 31.22
CA ALA B 38 18.28 -8.93 30.94
C ALA B 38 17.97 -7.59 31.61
N GLU B 39 18.95 -7.05 32.32
CA GLU B 39 18.79 -5.74 32.95
C GLU B 39 19.75 -4.70 32.38
N GLU B 40 19.36 -3.44 32.47
CA GLU B 40 20.25 -2.34 32.13
C GLU B 40 20.14 -1.17 33.11
N TRP B 41 21.28 -0.63 33.51
CA TRP B 41 21.32 0.58 34.32
C TRP B 41 22.10 1.66 33.58
N ALA B 42 21.43 2.76 33.27
CA ALA B 42 22.08 3.86 32.57
C ALA B 42 21.86 5.20 33.28
N GLN B 43 22.91 6.01 33.34
CA GLN B 43 22.77 7.38 33.84
C GLN B 43 23.26 8.38 32.80
N GLY B 44 22.50 9.46 32.61
CA GLY B 44 22.79 10.43 31.59
C GLY B 44 22.89 11.86 32.11
N PHE B 45 23.67 12.67 31.40
CA PHE B 45 23.79 14.09 31.72
C PHE B 45 23.70 14.84 30.43
N LEU B 46 22.67 15.68 30.31
CA LEU B 46 22.38 16.39 29.06
C LEU B 46 22.53 17.90 29.22
N LEU B 47 23.48 18.45 28.48
CA LEU B 47 23.75 19.87 28.46
C LEU B 47 23.19 20.43 27.14
N ARG B 48 22.21 21.32 27.22
CA ARG B 48 21.60 21.93 26.01
C ARG B 48 21.78 23.44 25.98
N TYR B 49 22.40 23.95 24.92
CA TYR B 49 22.62 25.38 24.83
C TYR B 49 22.13 26.00 23.51
N GLU B 50 21.25 27.00 23.59
CA GLU B 50 20.84 27.75 22.41
C GLU B 50 21.20 29.21 22.55
N SER B 51 22.20 29.65 21.80
CA SER B 51 22.59 31.06 21.82
C SER B 51 21.43 31.91 21.34
N GLY B 52 21.60 33.23 21.46
CA GLY B 52 20.67 34.15 20.84
C GLY B 52 21.19 34.50 19.46
N TYR B 53 20.32 35.04 18.62
CA TYR B 53 20.74 35.51 17.31
C TYR B 53 21.40 36.89 17.43
N THR B 54 22.48 37.09 16.71
CA THR B 54 23.09 38.40 16.63
C THR B 54 22.07 39.41 16.06
N GLU B 55 22.23 40.68 16.43
CA GLU B 55 21.26 41.72 16.09
C GLU B 55 21.29 42.00 14.61
N GLY B 56 20.14 42.40 14.07
CA GLY B 56 20.06 42.72 12.66
C GLY B 56 19.04 41.93 11.88
N THR B 57 18.99 42.25 10.61
CA THR B 57 17.89 41.81 9.78
C THR B 57 18.19 40.39 9.33
N ILE B 58 19.48 40.05 9.30
CA ILE B 58 19.88 38.67 9.19
C ILE B 58 20.65 38.26 10.44
N GLY B 59 20.10 37.29 11.18
CA GLY B 59 20.68 36.89 12.45
C GLY B 59 21.54 35.64 12.33
N PHE B 60 22.62 35.61 13.09
CA PHE B 60 23.45 34.42 13.19
C PHE B 60 23.41 33.96 14.63
N GLY B 61 23.52 32.65 14.82
CA GLY B 61 23.48 32.06 16.14
C GLY B 61 24.16 30.72 16.17
N VAL B 62 24.32 30.17 17.37
CA VAL B 62 24.91 28.84 17.50
C VAL B 62 24.29 28.02 18.64
N ASP B 63 24.02 26.75 18.35
CA ASP B 63 23.58 25.81 19.39
C ASP B 63 24.61 24.71 19.64
N ALA B 64 24.66 24.25 20.87
CA ALA B 64 25.52 23.14 21.24
C ALA B 64 24.75 22.18 22.12
N ILE B 65 25.05 20.90 21.99
CA ILE B 65 24.46 19.90 22.86
C ILE B 65 25.56 19.00 23.44
N GLY B 66 25.48 18.74 24.74
CA GLY B 66 26.47 17.94 25.41
C GLY B 66 25.80 16.79 26.11
N LEU B 67 26.09 15.57 25.66
CA LEU B 67 25.44 14.38 26.20
C LEU B 67 26.47 13.43 26.77
N LEU B 68 26.35 13.16 28.07
CA LEU B 68 27.22 12.20 28.74
C LEU B 68 26.39 11.02 29.25
N GLY B 69 26.93 9.82 29.10
CA GLY B 69 26.22 8.64 29.55
C GLY B 69 27.09 7.50 30.01
N VAL B 70 26.63 6.81 31.04
CA VAL B 70 27.24 5.56 31.43
C VAL B 70 26.17 4.48 31.39
N LYS B 71 26.55 3.29 30.92
CA LYS B 71 25.59 2.23 30.74
C LYS B 71 26.15 0.95 31.34
N LEU B 72 25.37 0.32 32.21
CA LEU B 72 25.68 -1.04 32.66
C LEU B 72 24.57 -2.01 32.28
N ASP B 73 24.95 -3.21 31.84
CA ASP B 73 23.96 -4.28 31.67
C ASP B 73 24.53 -5.69 31.88
N SER B 74 23.62 -6.65 32.06
CA SER B 74 23.99 -8.02 32.37
C SER B 74 23.99 -8.88 31.12
N GLN B 94 30.19 -0.22 32.88
CA GLN B 94 30.84 -0.71 31.67
C GLN B 94 31.08 0.41 30.65
N ASP B 95 30.12 0.61 29.76
CA ASP B 95 30.31 1.50 28.62
C ASP B 95 30.10 2.98 28.93
N ASP B 96 31.09 3.80 28.58
CA ASP B 96 30.93 5.24 28.66
C ASP B 96 30.87 5.86 27.29
N TYR B 97 29.78 6.56 27.02
CA TYR B 97 29.61 7.17 25.72
C TYR B 97 29.03 8.56 25.82
N GLY B 98 29.03 9.29 24.71
CA GLY B 98 28.52 10.64 24.68
C GLY B 98 28.60 11.29 23.31
N GLU B 99 28.76 12.62 23.31
CA GLU B 99 28.77 13.39 22.09
C GLU B 99 28.60 14.89 22.37
N ALA B 100 29.34 15.71 21.63
CA ALA B 100 29.10 17.15 21.62
C ALA B 100 28.67 17.55 20.22
N GLY B 101 27.55 18.26 20.13
CA GLY B 101 27.06 18.73 18.84
C GLY B 101 27.02 20.23 18.75
N ILE B 102 27.43 20.77 17.60
CA ILE B 102 27.34 22.20 17.34
C ILE B 102 26.42 22.44 16.15
N THR B 103 25.67 23.54 16.20
CA THR B 103 24.78 23.91 15.10
C THR B 103 24.84 25.40 14.80
N ALA B 104 25.15 25.72 13.55
CA ALA B 104 25.12 27.11 13.12
C ALA B 104 23.67 27.44 12.74
N LYS B 105 23.25 28.63 13.15
CA LYS B 105 21.90 29.12 12.96
C LYS B 105 21.95 30.45 12.21
N LEU B 106 21.17 30.56 11.14
CA LEU B 106 21.05 31.78 10.37
C LEU B 106 19.56 32.07 10.16
N ARG B 107 19.14 33.25 10.58
CA ARG B 107 17.74 33.62 10.62
C ARG B 107 17.45 34.88 9.81
N ALA B 108 16.38 34.82 9.02
CA ALA B 108 15.91 35.97 8.26
C ALA B 108 14.40 35.93 8.11
N SER B 109 13.76 37.08 8.32
CA SER B 109 12.30 37.16 8.24
C SER B 109 11.74 36.01 9.11
N LYS B 110 10.97 35.10 8.52
CA LYS B 110 10.39 34.00 9.30
C LYS B 110 11.00 32.65 8.91
N SER B 111 12.30 32.65 8.63
CA SER B 111 12.97 31.49 8.07
C SER B 111 14.28 31.23 8.79
N THR B 112 14.63 29.96 8.93
CA THR B 112 15.81 29.58 9.66
C THR B 112 16.54 28.46 8.97
N LEU B 113 17.86 28.62 8.89
CA LEU B 113 18.71 27.61 8.34
C LEU B 113 19.57 27.15 9.50
N LYS B 114 19.69 25.83 9.64
CA LYS B 114 20.57 25.23 10.64
C LYS B 114 21.51 24.27 9.93
N ILE B 115 22.79 24.36 10.31
CA ILE B 115 23.82 23.49 9.74
C ILE B 115 24.64 22.90 10.89
N GLY B 116 24.72 21.58 10.94
CA GLY B 116 25.47 20.88 11.95
C GLY B 116 24.61 19.77 12.54
N THR B 117 24.54 19.74 13.87
CA THR B 117 23.78 18.72 14.56
C THR B 117 22.30 19.06 14.54
N LEU B 118 21.49 18.11 14.09
CA LEU B 118 20.06 18.33 13.95
C LEU B 118 19.29 17.21 14.62
N THR B 119 18.16 17.57 15.22
CA THR B 119 17.19 16.58 15.64
C THR B 119 15.84 16.94 15.04
N PRO B 120 15.62 16.53 13.80
CA PRO B 120 14.37 16.91 13.13
C PRO B 120 13.13 16.21 13.71
N LYS B 121 11.95 16.78 13.51
CA LYS B 121 10.72 16.15 13.99
C LYS B 121 9.64 16.25 12.91
N LEU B 122 9.58 15.24 12.06
CA LEU B 122 8.74 15.23 10.89
C LEU B 122 8.13 13.87 10.69
N PRO B 123 7.00 13.82 9.98
CA PRO B 123 6.40 12.52 9.64
C PRO B 123 7.39 11.55 8.98
N VAL B 124 8.38 12.06 8.25
CA VAL B 124 9.33 11.16 7.61
C VAL B 124 10.62 10.98 8.41
N ILE B 125 10.72 11.62 9.57
CA ILE B 125 11.89 11.39 10.42
C ILE B 125 11.55 11.82 11.84
N MET B 126 11.27 10.82 12.69
CA MET B 126 11.05 11.02 14.12
C MET B 126 12.20 10.40 14.89
N PRO B 127 13.19 11.21 15.30
CA PRO B 127 14.35 10.64 16.00
C PRO B 127 13.93 9.95 17.31
N ASN B 128 14.63 8.89 17.68
CA ASN B 128 14.28 8.13 18.88
C ASN B 128 14.75 8.88 20.09
N ASP B 129 14.00 8.79 21.17
CA ASP B 129 14.46 9.32 22.43
C ASP B 129 13.81 8.57 23.56
N SER B 130 13.38 7.36 23.27
CA SER B 130 13.15 6.39 24.30
C SER B 130 14.57 6.09 24.74
N ARG B 131 14.72 5.44 25.89
CA ARG B 131 16.04 5.22 26.45
C ARG B 131 16.81 6.54 26.65
N LEU B 132 18.12 6.42 26.90
CA LEU B 132 18.88 7.46 27.59
C LEU B 132 19.17 8.74 26.81
N LEU B 133 20.03 8.61 25.82
CA LEU B 133 20.48 9.75 25.03
C LEU B 133 19.81 9.77 23.65
N PRO B 134 19.42 10.96 23.18
CA PRO B 134 18.65 11.06 21.93
C PRO B 134 19.45 10.70 20.69
N GLN B 135 18.75 10.22 19.67
CA GLN B 135 19.34 10.07 18.36
C GLN B 135 19.47 11.45 17.69
N THR B 136 20.65 11.74 17.13
CA THR B 136 20.86 13.02 16.45
C THR B 136 21.42 12.78 15.06
N PHE B 137 21.37 13.83 14.24
CA PHE B 137 21.87 13.74 12.86
C PHE B 137 22.84 14.88 12.53
N GLN B 138 23.69 14.66 11.53
CA GLN B 138 24.51 15.75 10.99
C GLN B 138 23.98 16.10 9.61
N GLY B 139 23.85 17.40 9.33
CA GLY B 139 23.37 17.84 8.03
C GLY B 139 22.95 19.30 8.02
N GLY B 140 21.94 19.63 7.21
CA GLY B 140 21.44 20.99 7.12
C GLY B 140 19.93 20.99 6.89
N ALA B 141 19.24 21.96 7.48
CA ALA B 141 17.79 22.01 7.33
C ALA B 141 17.28 23.44 7.34
N LEU B 142 16.16 23.62 6.64
CA LEU B 142 15.55 24.92 6.50
C LEU B 142 14.13 24.86 7.02
N ASN B 143 13.79 25.78 7.91
CA ASN B 143 12.41 25.96 8.32
C ASN B 143 11.88 27.32 7.85
N SER B 144 10.67 27.33 7.32
CA SER B 144 10.13 28.54 6.74
C SER B 144 8.66 28.66 7.07
N MET B 145 8.29 29.82 7.62
CA MET B 145 6.93 30.11 7.99
C MET B 145 6.51 31.46 7.39
N GLU B 146 7.04 31.79 6.22
CA GLU B 146 6.77 33.13 5.65
C GLU B 146 5.28 33.33 5.41
N ILE B 147 4.57 32.26 5.08
CA ILE B 147 3.14 32.39 4.78
C ILE B 147 2.32 31.94 5.97
N ASP B 148 1.43 32.82 6.43
CA ASP B 148 0.65 32.54 7.63
C ASP B 148 -0.01 31.16 7.58
N GLY B 149 0.26 30.36 8.60
CA GLY B 149 -0.32 29.03 8.70
C GLY B 149 0.40 27.94 7.91
N LEU B 150 1.36 28.35 7.08
CA LEU B 150 2.12 27.40 6.29
C LEU B 150 3.54 27.26 6.85
N THR B 151 3.87 26.05 7.25
CA THR B 151 5.18 25.72 7.76
C THR B 151 5.85 24.80 6.77
N LEU B 152 6.97 25.25 6.22
CA LEU B 152 7.70 24.48 5.23
C LEU B 152 9.03 24.06 5.84
N ASP B 153 9.50 22.88 5.46
CA ASP B 153 10.81 22.42 5.89
C ASP B 153 11.49 21.72 4.72
N ALA B 154 12.81 21.69 4.75
CA ALA B 154 13.56 20.93 3.77
C ALA B 154 14.98 20.73 4.28
N GLY B 155 15.62 19.66 3.83
CA GLY B 155 16.98 19.45 4.26
C GLY B 155 17.64 18.18 3.80
N ARG B 156 18.84 17.96 4.34
CA ARG B 156 19.63 16.82 3.99
C ARG B 156 20.42 16.37 5.22
N LEU B 157 20.22 15.11 5.60
CA LEU B 157 20.98 14.49 6.69
C LEU B 157 22.08 13.63 6.06
N LYS B 158 23.30 13.79 6.53
CA LYS B 158 24.45 13.07 5.98
C LYS B 158 24.85 11.91 6.91
N LYS B 159 24.59 12.07 8.21
CA LYS B 159 25.04 11.12 9.21
C LYS B 159 24.08 11.03 10.39
N VAL B 160 24.12 9.90 11.08
CA VAL B 160 23.30 9.69 12.27
C VAL B 160 24.22 9.31 13.40
N ASN B 161 23.84 9.73 14.61
CA ASN B 161 24.46 9.23 15.83
C ASN B 161 23.39 8.56 16.71
N GLN B 162 23.44 7.24 16.79
CA GLN B 162 22.43 6.47 17.55
C GLN B 162 22.39 6.80 19.05
N ARG B 163 21.22 6.59 19.67
CA ARG B 163 21.04 6.78 21.10
C ARG B 163 22.02 5.94 21.95
N ASP B 164 22.66 4.97 21.30
CA ASP B 164 23.49 3.98 21.97
C ASP B 164 24.97 4.34 21.92
N SER B 166 28.87 6.53 20.41
CA SER B 166 29.55 7.80 20.61
C SER B 166 29.91 8.47 19.29
N ASP B 167 29.62 7.79 18.18
CA ASP B 167 30.05 8.23 16.86
C ASP B 167 28.90 8.58 15.92
N ASN B 168 29.18 9.49 15.00
CA ASN B 168 28.34 9.70 13.84
C ASN B 168 28.64 8.60 12.83
N GLU B 169 27.69 8.26 11.98
CA GLU B 169 27.88 7.16 11.05
C GLU B 169 26.82 7.20 9.96
N ASP B 170 26.98 6.36 8.94
CA ASP B 170 26.06 6.33 7.83
C ASP B 170 24.74 5.65 8.19
N MET B 171 23.66 6.13 7.56
CA MET B 171 22.34 5.67 7.90
C MET B 171 22.01 4.37 7.18
N THR B 172 21.10 3.60 7.77
CA THR B 172 20.50 2.46 7.10
C THR B 172 19.00 2.48 7.33
N ILE B 173 18.33 1.49 6.79
CA ILE B 173 16.90 1.34 7.02
C ILE B 173 16.68 0.32 8.15
N THR B 174 15.52 0.36 8.80
CA THR B 174 15.16 -0.64 9.77
C THR B 174 14.75 -1.93 9.06
N GLY B 175 15.44 -3.00 9.38
CA GLY B 175 15.14 -4.30 8.80
C GLY B 175 14.80 -5.28 9.91
N GLY B 176 14.84 -6.56 9.59
CA GLY B 176 14.56 -7.59 10.60
C GLY B 176 13.07 -7.74 10.80
N GLY B 177 12.70 -8.39 11.91
CA GLY B 177 11.32 -8.72 12.18
C GLY B 177 10.75 -9.46 10.99
N LYS B 178 9.49 -9.18 10.68
CA LYS B 178 8.81 -9.78 9.54
C LYS B 178 8.48 -8.70 8.51
N ARG B 179 9.38 -7.73 8.38
CA ARG B 179 9.19 -6.59 7.50
C ARG B 179 9.53 -6.97 6.08
N GLN B 180 10.31 -8.04 5.94
CA GLN B 180 10.59 -8.58 4.63
C GLN B 180 11.26 -7.50 3.75
N ILE B 181 12.07 -6.68 4.40
CA ILE B 181 12.85 -5.69 3.73
C ILE B 181 14.18 -6.31 3.35
N VAL B 182 14.49 -6.31 2.05
CA VAL B 182 15.73 -6.89 1.56
C VAL B 182 16.64 -5.82 0.95
N VAL B 183 17.88 -5.78 1.41
CA VAL B 183 18.84 -4.80 0.93
C VAL B 183 20.20 -5.41 0.60
N ARG B 184 20.91 -4.79 -0.35
CA ARG B 184 22.29 -5.17 -0.63
C ARG B 184 23.10 -5.20 0.64
N SER B 185 23.69 -6.34 0.94
CA SER B 185 24.51 -6.48 2.13
C SER B 185 25.68 -5.50 2.19
N GLY B 186 25.81 -4.81 3.33
CA GLY B 186 26.89 -3.85 3.54
C GLY B 186 26.58 -2.43 3.12
N LEU B 187 25.44 -2.27 2.43
CA LEU B 187 25.05 -1.00 1.82
C LEU B 187 24.69 -0.01 2.91
N THR B 188 25.11 1.21 2.71
CA THR B 188 24.88 2.23 3.70
C THR B 188 24.43 3.47 2.92
N SER B 189 23.82 4.44 3.58
CA SER B 189 23.35 5.63 2.85
C SER B 189 24.07 6.94 3.19
N ASP B 190 24.40 7.70 2.15
CA ASP B 190 25.15 8.97 2.34
C ASP B 190 24.24 10.18 2.53
N LYS B 191 22.96 10.01 2.24
CA LYS B 191 22.10 11.17 2.03
C LYS B 191 20.65 10.85 2.40
N PHE B 192 20.07 11.59 3.35
CA PHE B 192 18.61 11.58 3.53
C PHE B 192 18.02 12.96 3.22
N ASP B 193 17.31 13.04 2.10
CA ASP B 193 16.71 14.30 1.66
C ASP B 193 15.24 14.35 2.08
N PHE B 194 14.83 15.49 2.65
CA PHE B 194 13.42 15.65 2.97
C PHE B 194 12.87 17.02 2.59
N ALA B 195 11.56 17.08 2.46
CA ALA B 195 10.88 18.31 2.12
C ALA B 195 9.40 18.11 2.34
N GLY B 196 8.76 19.16 2.83
CA GLY B 196 7.33 19.13 2.99
C GLY B 196 6.77 20.36 3.67
N GLY B 197 5.53 20.24 4.09
CA GLY B 197 4.82 21.36 4.62
C GLY B 197 3.58 20.90 5.37
N SER B 198 3.18 21.73 6.30
CA SER B 198 1.95 21.52 7.04
C SER B 198 1.14 22.81 6.95
N TYR B 199 -0.16 22.69 6.74
CA TYR B 199 -1.01 23.87 6.62
C TYR B 199 -2.18 23.85 7.59
N LYS B 200 -2.33 24.94 8.36
CA LYS B 200 -3.47 25.08 9.25
C LYS B 200 -4.64 25.72 8.50
N TRP B 201 -5.59 24.89 8.05
CA TRP B 201 -6.79 25.39 7.38
C TRP B 201 -7.60 26.22 8.35
N THR B 202 -7.67 25.73 9.59
CA THR B 202 -8.30 26.48 10.66
C THR B 202 -7.57 26.09 11.93
N ASP B 203 -8.04 26.62 13.05
CA ASP B 203 -7.49 26.27 14.34
C ASP B 203 -7.73 24.79 14.63
N ASN B 204 -8.70 24.21 13.93
CA ASN B 204 -9.13 22.84 14.18
C ASN B 204 -8.74 21.85 13.09
N LEU B 205 -8.15 22.35 12.00
CA LEU B 205 -7.88 21.48 10.86
C LEU B 205 -6.52 21.72 10.21
N SER B 206 -5.70 20.68 10.19
CA SER B 206 -4.41 20.72 9.53
C SER B 206 -4.32 19.60 8.53
N THR B 207 -3.55 19.82 7.49
CA THR B 207 -3.16 18.72 6.60
C THR B 207 -1.67 18.87 6.33
N SER B 208 -1.01 17.76 6.04
CA SER B 208 0.41 17.84 5.76
C SER B 208 0.85 16.94 4.62
N TYR B 209 1.96 17.32 4.02
CA TYR B 209 2.55 16.53 2.98
C TYR B 209 4.04 16.56 3.20
N HIS B 210 4.64 15.38 3.21
CA HIS B 210 6.07 15.29 3.42
C HIS B 210 6.71 14.27 2.50
N TYR B 211 7.90 14.61 2.03
CA TYR B 211 8.68 13.73 1.19
C TYR B 211 9.99 13.39 1.92
N GLY B 212 10.36 12.12 1.93
CA GLY B 212 11.65 11.71 2.44
C GLY B 212 12.32 10.70 1.51
N LYS B 213 13.61 10.87 1.27
CA LYS B 213 14.35 9.87 0.50
C LYS B 213 15.70 9.48 1.13
N LEU B 214 15.76 8.26 1.64
CA LEU B 214 17.03 7.66 2.09
C LEU B 214 17.75 7.13 0.87
N ASP B 215 18.84 7.80 0.48
CA ASP B 215 19.47 7.49 -0.79
C ASP B 215 19.80 5.99 -0.93
N ASN B 216 19.33 5.42 -2.03
CA ASN B 216 19.54 4.02 -2.37
C ASN B 216 18.68 3.03 -1.59
N PHE B 217 17.96 3.51 -0.59
CA PHE B 217 17.04 2.65 0.14
C PHE B 217 15.56 2.83 -0.25
N TYR B 218 15.01 4.02 -0.03
CA TYR B 218 13.58 4.23 -0.30
C TYR B 218 13.24 5.71 -0.51
N LYS B 219 12.03 5.92 -1.02
CA LYS B 219 11.41 7.22 -1.20
C LYS B 219 10.03 7.08 -0.57
N GLN B 220 9.61 8.11 0.13
CA GLN B 220 8.39 8.04 0.87
C GLN B 220 7.62 9.32 0.66
N HIS B 221 6.32 9.18 0.45
CA HIS B 221 5.44 10.32 0.47
C HIS B 221 4.49 10.10 1.62
N TYR B 222 4.40 11.07 2.52
CA TYR B 222 3.57 10.97 3.71
C TYR B 222 2.49 12.04 3.66
N LEU B 223 1.22 11.61 3.78
CA LEU B 223 0.11 12.57 3.86
C LEU B 223 -0.54 12.51 5.24
N GLY B 224 -0.95 13.67 5.75
CA GLY B 224 -1.55 13.72 7.06
C GLY B 224 -2.73 14.67 7.12
N LEU B 225 -3.75 14.28 7.87
CA LEU B 225 -4.84 15.20 8.17
C LEU B 225 -5.19 15.07 9.64
N VAL B 226 -5.16 16.19 10.34
CA VAL B 226 -5.44 16.21 11.77
C VAL B 226 -6.60 17.15 12.07
N HIS B 227 -7.69 16.58 12.58
CA HIS B 227 -8.91 17.35 12.75
C HIS B 227 -9.48 17.21 14.16
N THR B 228 -9.67 18.33 14.82
CA THR B 228 -10.23 18.32 16.16
C THR B 228 -11.63 18.92 16.18
N LEU B 229 -12.56 18.18 16.78
CA LEU B 229 -13.94 18.58 16.85
C LEU B 229 -14.38 18.76 18.30
N PRO B 230 -14.30 20.00 18.80
CA PRO B 230 -14.80 20.26 20.16
C PRO B 230 -16.28 19.97 20.21
N ILE B 231 -16.68 19.01 21.03
CA ILE B 231 -18.08 18.64 21.13
C ILE B 231 -18.76 19.47 22.21
N ALA B 232 -18.01 19.86 23.23
CA ALA B 232 -18.53 20.74 24.30
C ALA B 232 -17.40 21.25 25.19
N ASP B 233 -17.71 21.44 26.48
CA ASP B 233 -16.76 21.99 27.44
C ASP B 233 -15.40 21.30 27.35
N LYS B 234 -15.22 20.22 28.11
CA LYS B 234 -14.02 19.41 28.00
C LYS B 234 -14.32 18.13 27.24
N GLN B 235 -15.15 18.24 26.21
CA GLN B 235 -15.46 17.13 25.32
C GLN B 235 -14.96 17.42 23.91
N SER B 236 -14.26 16.44 23.34
CA SER B 236 -13.58 16.68 22.07
C SER B 236 -13.21 15.38 21.37
N LEU B 237 -13.44 15.33 20.07
CA LEU B 237 -12.98 14.22 19.25
C LEU B 237 -11.81 14.65 18.37
N LYS B 238 -10.69 13.94 18.50
CA LYS B 238 -9.54 14.19 17.65
C LYS B 238 -9.39 13.08 16.62
N SER B 239 -9.22 13.45 15.36
CA SER B 239 -9.02 12.47 14.30
C SER B 239 -7.65 12.72 13.67
N ASP B 240 -6.83 11.69 13.64
CA ASP B 240 -5.47 11.79 13.16
C ASP B 240 -5.32 10.78 12.05
N ILE B 241 -5.33 11.27 10.81
CA ILE B 241 -5.41 10.38 9.66
C ILE B 241 -4.16 10.50 8.79
N ARG B 242 -3.53 9.36 8.51
CA ARG B 242 -2.22 9.34 7.87
C ARG B 242 -2.15 8.32 6.75
N TRP B 243 -1.35 8.64 5.73
CA TRP B 243 -1.09 7.67 4.68
C TRP B 243 0.32 7.85 4.12
N ALA B 244 1.05 6.75 4.01
CA ALA B 244 2.40 6.83 3.44
C ALA B 244 2.65 5.77 2.39
N ARG B 245 3.30 6.19 1.31
CA ARG B 245 3.72 5.32 0.23
C ARG B 245 5.23 5.28 0.27
N SER B 246 5.80 4.09 0.42
CA SER B 246 7.23 3.94 0.35
C SER B 246 7.57 3.09 -0.88
N THR B 247 8.58 3.50 -1.63
CA THR B 247 9.04 2.70 -2.75
C THR B 247 10.53 2.68 -2.69
N ASP B 248 11.11 1.79 -3.51
CA ASP B 248 12.52 1.56 -3.43
C ASP B 248 13.32 2.61 -4.17
N ASP B 249 14.60 2.69 -3.83
CA ASP B 249 15.49 3.60 -4.50
C ASP B 249 16.68 2.85 -5.11
N GLY B 250 16.41 1.67 -5.68
CA GLY B 250 17.38 1.01 -6.55
C GLY B 250 18.13 -0.14 -5.93
N SER B 251 18.35 -0.10 -4.63
CA SER B 251 19.17 -1.11 -3.97
C SER B 251 18.40 -1.87 -2.87
N SER B 252 17.08 -1.99 -3.05
CA SER B 252 16.22 -2.59 -2.03
C SER B 252 14.92 -2.99 -2.68
N ASN B 253 14.07 -3.69 -1.92
CA ASN B 253 12.79 -4.14 -2.44
C ASN B 253 11.61 -3.43 -1.77
N VAL B 254 11.88 -2.31 -1.10
CA VAL B 254 10.85 -1.60 -0.37
C VAL B 254 9.65 -1.27 -1.25
N ASP B 255 8.48 -1.57 -0.75
CA ASP B 255 7.23 -1.30 -1.44
C ASP B 255 6.15 -1.42 -0.38
N ASN B 256 5.68 -0.28 0.11
CA ASN B 256 4.74 -0.28 1.22
C ASN B 256 3.75 0.86 1.10
N LYS B 257 2.50 0.54 1.43
CA LYS B 257 1.46 1.50 1.69
C LYS B 257 1.10 1.35 3.15
N ALA B 258 1.06 2.46 3.86
CA ALA B 258 0.74 2.45 5.27
C ALA B 258 -0.43 3.39 5.55
N LEU B 259 -1.59 2.80 5.82
CA LEU B 259 -2.78 3.55 6.20
C LEU B 259 -2.93 3.40 7.70
N ASN B 260 -3.01 4.52 8.39
CA ASN B 260 -3.11 4.44 9.84
C ASN B 260 -3.76 5.68 10.44
N ALA B 261 -4.71 5.45 11.35
CA ALA B 261 -5.49 6.54 11.93
C ALA B 261 -5.80 6.33 13.42
N MET B 262 -5.85 7.43 14.15
CA MET B 262 -6.19 7.41 15.56
C MET B 262 -7.36 8.35 15.82
N PHE B 263 -8.39 7.84 16.47
CA PHE B 263 -9.50 8.67 16.87
C PHE B 263 -9.59 8.65 18.38
N THR B 264 -9.54 9.84 18.98
CA THR B 264 -9.52 9.96 20.42
C THR B 264 -10.64 10.81 20.97
N TYR B 265 -11.51 10.17 21.73
CA TYR B 265 -12.59 10.86 22.39
C TYR B 265 -12.12 11.33 23.77
N SER B 266 -12.22 12.64 24.00
CA SER B 266 -11.79 13.24 25.26
C SER B 266 -12.99 13.75 26.03
N LEU B 267 -13.13 13.27 27.26
CA LEU B 267 -14.18 13.73 28.15
C LEU B 267 -13.62 13.93 29.55
N GLY B 268 -13.68 15.17 30.02
CA GLY B 268 -13.22 15.50 31.35
C GLY B 268 -11.74 15.21 31.50
N TYR B 269 -11.41 14.31 32.42
CA TYR B 269 -10.01 13.94 32.62
C TYR B 269 -9.71 12.57 31.99
N HIS B 270 -10.70 12.01 31.30
CA HIS B 270 -10.54 10.74 30.64
C HIS B 270 -10.14 10.96 29.19
N ALA B 271 -9.89 9.86 28.49
CA ALA B 271 -9.71 9.86 27.05
C ALA B 271 -9.69 8.42 26.58
N PHE B 272 -10.55 8.11 25.64
CA PHE B 272 -10.57 6.79 25.02
C PHE B 272 -10.16 6.94 23.57
N GLY B 273 -9.23 6.12 23.14
CA GLY B 273 -8.74 6.22 21.78
C GLY B 273 -8.72 4.88 21.09
N VAL B 274 -9.08 4.91 19.81
CA VAL B 274 -9.02 3.73 18.95
C VAL B 274 -8.05 4.03 17.82
N GLY B 275 -7.34 2.99 17.38
CA GLY B 275 -6.35 3.13 16.34
C GLY B 275 -6.46 2.01 15.33
N TYR B 276 -6.29 2.36 14.06
CA TYR B 276 -6.28 1.37 12.99
C TYR B 276 -5.04 1.55 12.16
N GLN B 277 -4.41 0.44 11.78
CA GLN B 277 -3.18 0.49 11.02
C GLN B 277 -3.16 -0.66 10.03
N LYS B 278 -2.68 -0.38 8.81
CA LYS B 278 -2.67 -1.39 7.75
C LYS B 278 -1.44 -1.25 6.86
N MET B 279 -0.68 -2.33 6.75
CA MET B 279 0.43 -2.43 5.84
C MET B 279 -0.02 -3.26 4.67
N SER B 280 0.41 -2.88 3.48
CA SER B 280 0.28 -3.74 2.31
C SER B 280 1.50 -3.47 1.41
N GLY B 281 1.69 -4.29 0.37
CA GLY B 281 2.92 -4.24 -0.41
C GLY B 281 3.86 -5.39 0.00
N ASP B 282 4.96 -5.51 -0.72
CA ASP B 282 5.97 -6.51 -0.44
C ASP B 282 6.69 -6.33 0.89
N THR B 283 6.68 -5.12 1.45
CA THR B 283 7.38 -4.89 2.71
C THR B 283 6.50 -4.17 3.71
N GLY B 284 6.89 -4.20 4.96
CA GLY B 284 6.31 -3.30 5.94
C GLY B 284 6.83 -1.86 5.78
N PHE B 285 6.49 -1.01 6.74
CA PHE B 285 6.88 0.39 6.75
C PHE B 285 8.38 0.67 6.66
N ALA B 286 8.73 1.71 5.88
CA ALA B 286 10.12 2.11 5.73
C ALA B 286 10.45 3.32 6.62
N TYR B 287 11.49 3.16 7.44
CA TYR B 287 11.99 4.26 8.25
C TYR B 287 13.45 4.04 8.61
N ILE B 288 14.11 5.16 8.88
CA ILE B 288 15.54 5.17 9.15
C ILE B 288 15.88 4.31 10.37
N ASN B 289 16.93 3.52 10.25
CA ASN B 289 17.30 2.61 11.35
C ASN B 289 17.70 3.40 12.60
N GLY B 290 17.08 3.09 13.74
CA GLY B 290 17.29 3.83 14.97
C GLY B 290 16.23 4.90 15.22
N ALA B 291 15.53 5.35 14.19
CA ALA B 291 14.46 6.30 14.41
C ALA B 291 13.22 5.55 14.87
N ASP B 292 12.25 6.31 15.37
CA ASP B 292 10.91 5.79 15.63
C ASP B 292 10.06 5.91 14.37
N PRO B 293 9.21 4.93 14.11
CA PRO B 293 8.34 5.10 12.94
C PRO B 293 7.17 6.03 13.30
N TYR B 294 6.74 6.91 12.39
CA TYR B 294 5.57 7.73 12.64
C TYR B 294 4.27 6.96 12.35
N LEU B 295 3.89 6.07 13.26
CA LEU B 295 2.71 5.22 13.07
C LEU B 295 1.88 5.19 14.34
N VAL B 296 0.56 5.21 14.21
CA VAL B 296 -0.28 5.33 15.39
C VAL B 296 -0.19 4.11 16.31
N ASN B 297 0.05 2.95 15.72
CA ASN B 297 0.11 1.71 16.50
C ASN B 297 1.51 1.27 16.85
N PHE B 298 2.45 2.20 16.73
CA PHE B 298 3.80 1.97 17.20
C PHE B 298 3.81 2.28 18.68
N ILE B 299 4.04 1.26 19.50
CA ILE B 299 4.00 1.44 20.94
C ILE B 299 5.29 0.97 21.61
N GLN B 300 5.22 0.47 22.84
CA GLN B 300 6.45 0.28 23.59
C GLN B 300 7.41 -0.70 22.97
N ILE B 301 6.88 -1.79 22.42
CA ILE B 301 7.74 -2.87 21.95
C ILE B 301 7.61 -3.14 20.47
N GLY B 302 6.37 -3.24 20.01
CA GLY B 302 6.12 -3.50 18.61
C GLY B 302 5.75 -2.25 17.84
N ASP B 303 6.11 -2.23 16.56
CA ASP B 303 5.69 -1.16 15.68
C ASP B 303 4.49 -1.61 14.83
N PHE B 304 4.19 -2.90 14.87
CA PHE B 304 3.07 -3.46 14.13
C PHE B 304 3.16 -3.06 12.68
N ALA B 305 4.38 -3.06 12.16
CA ALA B 305 4.64 -2.62 10.80
C ALA B 305 5.26 -3.71 9.93
N ASN B 306 4.97 -4.98 10.23
CA ASN B 306 5.40 -6.10 9.41
C ASN B 306 4.57 -6.25 8.11
N LYS B 307 5.09 -7.04 7.18
CA LYS B 307 4.44 -7.24 5.88
C LYS B 307 2.95 -7.62 6.02
N ASP B 308 2.08 -6.84 5.37
CA ASP B 308 0.63 -7.04 5.36
C ASP B 308 -0.08 -6.91 6.70
N GLU B 309 0.64 -6.53 7.75
CA GLU B 309 0.03 -6.46 9.08
C GLU B 309 -1.13 -5.45 9.18
N LYS B 310 -2.24 -5.90 9.76
CA LYS B 310 -3.36 -5.05 10.11
C LYS B 310 -3.51 -5.05 11.62
N SER B 311 -3.67 -3.87 12.22
CA SER B 311 -3.77 -3.84 13.67
C SER B 311 -4.80 -2.85 14.23
N TRP B 312 -5.37 -3.21 15.37
CA TRP B 312 -6.30 -2.35 16.08
C TRP B 312 -5.75 -1.95 17.45
N GLN B 313 -6.01 -0.73 17.87
CA GLN B 313 -5.55 -0.26 19.16
C GLN B 313 -6.68 0.29 19.98
N ALA B 314 -6.65 0.02 21.28
CA ALA B 314 -7.57 0.67 22.20
C ALA B 314 -6.71 1.27 23.32
N ARG B 315 -6.93 2.54 23.61
CA ARG B 315 -6.07 3.24 24.56
C ARG B 315 -6.88 4.03 25.58
N TYR B 316 -6.49 3.92 26.83
CA TYR B 316 -7.14 4.65 27.90
C TYR B 316 -6.18 5.59 28.63
N ASP B 317 -6.65 6.81 28.84
CA ASP B 317 -5.83 7.81 29.50
C ASP B 317 -6.59 8.37 30.69
N TYR B 318 -5.91 8.51 31.81
CA TYR B 318 -6.50 9.22 32.94
C TYR B 318 -5.49 10.13 33.64
N ASN B 319 -5.90 11.37 33.89
CA ASN B 319 -5.09 12.35 34.60
C ASN B 319 -5.65 12.62 36.00
N PHE B 320 -4.87 12.25 37.03
CA PHE B 320 -5.36 12.25 38.41
C PHE B 320 -5.47 13.65 39.04
N ALA B 321 -5.27 14.70 38.25
CA ALA B 321 -5.54 16.06 38.71
C ALA B 321 -7.02 16.15 39.05
N GLY B 322 -7.81 15.38 38.32
CA GLY B 322 -9.24 15.27 38.55
C GLY B 322 -9.56 15.04 40.01
N VAL B 323 -9.04 13.95 40.57
CA VAL B 323 -9.34 13.56 41.95
C VAL B 323 -8.30 14.02 42.95
N GLY B 324 -7.61 15.11 42.62
CA GLY B 324 -6.72 15.75 43.57
C GLY B 324 -5.31 15.21 43.70
N ILE B 325 -4.83 14.46 42.72
CA ILE B 325 -3.41 14.13 42.68
C ILE B 325 -2.77 14.65 41.40
N PRO B 326 -2.52 15.98 41.37
CA PRO B 326 -1.88 16.64 40.22
C PRO B 326 -0.51 16.05 39.90
N GLY B 327 -0.31 15.72 38.62
CA GLY B 327 0.98 15.24 38.17
C GLY B 327 1.05 13.72 38.08
N LEU B 328 -0.04 13.06 38.44
CA LEU B 328 -0.11 11.61 38.33
C LEU B 328 -0.94 11.21 37.13
N THR B 329 -0.35 10.47 36.20
CA THR B 329 -1.06 10.06 35.01
C THR B 329 -1.04 8.55 34.83
N PHE B 330 -2.11 8.03 34.26
CA PHE B 330 -2.18 6.62 33.95
C PHE B 330 -2.54 6.42 32.49
N MET B 331 -1.87 5.48 31.84
CA MET B 331 -2.23 5.09 30.49
C MET B 331 -2.10 3.59 30.36
N THR B 332 -3.05 3.01 29.65
CA THR B 332 -2.92 1.62 29.26
C THR B 332 -3.50 1.49 27.87
N ARG B 333 -2.89 0.63 27.07
CA ARG B 333 -3.36 0.41 25.72
C ARG B 333 -3.07 -1.02 25.29
N TYR B 334 -3.87 -1.47 24.33
CA TYR B 334 -3.80 -2.82 23.83
C TYR B 334 -3.75 -2.74 22.32
N VAL B 335 -2.76 -3.40 21.73
CA VAL B 335 -2.75 -3.50 20.28
C VAL B 335 -2.73 -4.95 19.87
N LYS B 336 -3.54 -5.25 18.88
CA LYS B 336 -3.63 -6.61 18.37
C LYS B 336 -3.47 -6.57 16.86
N GLY B 337 -2.51 -7.33 16.37
CA GLY B 337 -2.25 -7.37 14.94
C GLY B 337 -2.38 -8.75 14.36
N ASP B 338 -2.72 -8.83 13.08
CA ASP B 338 -2.78 -10.10 12.39
C ASP B 338 -2.48 -9.94 10.91
N ASN B 339 -2.77 -10.97 10.14
CA ASN B 339 -2.60 -10.93 8.70
C ASN B 339 -1.14 -10.77 8.30
N ILE B 340 -0.24 -10.95 9.27
CA ILE B 340 1.16 -10.89 8.94
C ILE B 340 1.49 -11.99 7.95
N ASP B 341 2.17 -11.61 6.87
CA ASP B 341 2.62 -12.55 5.88
C ASP B 341 4.05 -12.98 6.18
N LEU B 342 4.19 -14.23 6.61
CA LEU B 342 5.46 -14.79 7.08
C LEU B 342 6.24 -15.42 5.93
N LEU B 343 5.75 -15.21 4.72
CA LEU B 343 6.40 -15.77 3.54
C LEU B 343 6.60 -17.27 3.70
N THR B 344 7.64 -17.62 4.44
CA THR B 344 7.98 -19.02 4.69
C THR B 344 6.74 -19.82 5.09
N THR B 345 6.42 -19.74 6.37
CA THR B 345 5.31 -20.50 6.96
C THR B 345 3.96 -20.10 6.37
N SER B 346 3.09 -21.09 6.23
CA SER B 346 1.70 -20.85 5.86
C SER B 346 0.98 -20.32 7.09
N GLY B 347 -0.18 -19.70 6.90
CA GLY B 347 -0.95 -19.22 8.03
C GLY B 347 -0.41 -17.91 8.56
N GLU B 348 -1.32 -17.00 8.87
CA GLU B 348 -0.96 -15.62 9.18
C GLU B 348 -0.21 -15.46 10.51
N GLY B 349 0.72 -14.51 10.55
CA GLY B 349 1.36 -14.15 11.80
C GLY B 349 0.46 -13.26 12.63
N LYS B 350 0.43 -13.51 13.93
CA LYS B 350 -0.35 -12.71 14.86
C LYS B 350 0.53 -12.25 16.00
N GLU B 351 0.16 -11.11 16.58
CA GLU B 351 0.83 -10.65 17.78
C GLU B 351 -0.10 -9.72 18.52
N TRP B 352 0.08 -9.62 19.82
CA TRP B 352 -0.59 -8.59 20.59
C TRP B 352 0.27 -8.09 21.75
N GLU B 353 0.05 -6.83 22.08
CA GLU B 353 0.87 -6.18 23.09
C GLU B 353 -0.01 -5.42 24.05
N ARG B 354 0.34 -5.47 25.32
CA ARG B 354 -0.34 -4.62 26.28
C ARG B 354 0.70 -3.75 26.94
N ASP B 355 0.43 -2.46 26.97
CA ASP B 355 1.31 -1.51 27.61
C ASP B 355 0.60 -0.91 28.80
N MET B 356 1.35 -0.59 29.83
CA MET B 356 0.84 0.18 30.95
C MET B 356 1.85 1.26 31.35
N ASP B 357 1.36 2.48 31.54
CA ASP B 357 2.22 3.59 31.95
C ASP B 357 1.67 4.29 33.18
N ILE B 358 2.53 4.45 34.17
CA ILE B 358 2.25 5.28 35.31
C ILE B 358 3.34 6.31 35.37
N ALA B 359 2.96 7.59 35.35
CA ALA B 359 3.91 8.68 35.41
C ALA B 359 3.54 9.63 36.53
N TYR B 360 4.54 10.13 37.22
CA TYR B 360 4.31 11.16 38.21
C TYR B 360 5.33 12.28 38.12
N VAL B 361 4.87 13.50 38.35
CA VAL B 361 5.74 14.66 38.37
C VAL B 361 5.55 15.39 39.68
N PHE B 362 6.63 15.57 40.44
CA PHE B 362 6.52 16.24 41.72
C PHE B 362 6.11 17.71 41.53
N GLN B 363 5.07 18.12 42.26
CA GLN B 363 4.52 19.46 42.13
C GLN B 363 5.16 20.39 43.14
N SER B 364 5.11 19.99 44.41
CA SER B 364 5.62 20.82 45.49
C SER B 364 6.98 20.34 45.97
N GLY B 365 7.65 21.18 46.74
CA GLY B 365 8.89 20.80 47.39
C GLY B 365 10.13 20.92 46.54
N PRO B 366 11.27 20.49 47.10
CA PRO B 366 12.59 20.48 46.46
C PRO B 366 12.70 19.46 45.34
N LEU B 367 11.66 18.66 45.15
CA LEU B 367 11.65 17.67 44.08
C LEU B 367 10.82 18.15 42.89
N LYS B 368 10.26 19.36 43.01
CA LYS B 368 9.39 19.91 41.96
C LYS B 368 9.94 19.68 40.56
N ASN B 369 9.06 19.30 39.63
CA ASN B 369 9.42 19.10 38.21
C ASN B 369 10.20 17.81 37.91
N LEU B 370 10.66 17.15 38.97
CA LEU B 370 11.33 15.87 38.81
C LEU B 370 10.32 14.89 38.25
N GLY B 371 10.73 14.15 37.21
CA GLY B 371 9.85 13.21 36.57
C GLY B 371 10.24 11.75 36.78
N VAL B 372 9.26 10.93 37.11
CA VAL B 372 9.45 9.49 37.24
C VAL B 372 8.36 8.81 36.43
N LYS B 373 8.75 7.86 35.61
CA LYS B 373 7.77 7.20 34.75
C LYS B 373 8.09 5.72 34.65
N TRP B 374 7.07 4.90 34.90
CA TRP B 374 7.18 3.46 34.78
C TRP B 374 6.44 3.00 33.52
N ARG B 375 7.13 2.26 32.66
CA ARG B 375 6.51 1.68 31.48
C ARG B 375 6.59 0.16 31.49
N ASN B 376 5.43 -0.48 31.55
CA ASN B 376 5.35 -1.94 31.48
C ASN B 376 4.73 -2.44 30.19
N ALA B 377 5.30 -3.50 29.62
CA ALA B 377 4.78 -3.96 28.34
C ALA B 377 4.89 -5.47 28.20
N THR B 378 3.87 -6.07 27.62
CA THR B 378 3.84 -7.50 27.40
C THR B 378 3.48 -7.75 25.96
N MET B 379 4.21 -8.65 25.32
CA MET B 379 3.99 -8.95 23.90
C MET B 379 3.99 -10.44 23.63
N ARG B 380 2.92 -10.91 23.00
CA ARG B 380 2.79 -12.31 22.64
C ARG B 380 2.56 -12.44 21.14
N THR B 381 3.13 -13.47 20.55
CA THR B 381 3.01 -13.71 19.12
C THR B 381 2.83 -15.20 18.89
N ASN B 382 2.56 -15.60 17.65
CA ASN B 382 2.36 -17.00 17.32
C ASN B 382 3.44 -17.47 16.35
N TYR B 383 4.49 -16.68 16.20
CA TYR B 383 5.47 -16.92 15.15
C TYR B 383 6.88 -16.59 15.59
N THR B 384 7.04 -16.16 16.83
CA THR B 384 8.34 -15.73 17.31
C THR B 384 8.40 -15.67 18.83
N ASN B 385 9.41 -14.97 19.33
CA ASN B 385 9.61 -14.86 20.76
C ASN B 385 8.56 -13.97 21.39
N ASP B 386 7.97 -14.46 22.47
CA ASP B 386 7.14 -13.63 23.32
C ASP B 386 8.10 -12.88 24.21
N TYR B 387 7.70 -11.70 24.70
CA TYR B 387 8.47 -11.10 25.79
C TYR B 387 7.87 -9.92 26.53
N ASP B 388 8.43 -9.69 27.72
CA ASP B 388 7.94 -8.70 28.66
C ASP B 388 9.06 -7.73 28.97
N GLU B 389 8.69 -6.60 29.54
CA GLU B 389 9.62 -5.52 29.63
C GLU B 389 9.14 -4.42 30.56
N ASN B 390 10.07 -3.94 31.37
CA ASN B 390 9.82 -2.88 32.33
C ASN B 390 10.82 -1.76 32.14
N ARG B 391 10.29 -0.56 31.93
CA ARG B 391 11.13 0.61 31.89
C ARG B 391 10.82 1.50 33.07
N LEU B 392 11.88 2.03 33.65
CA LEU B 392 11.73 3.03 34.68
C LEU B 392 12.66 4.19 34.36
N ILE B 393 12.07 5.36 34.13
CA ILE B 393 12.82 6.55 33.75
C ILE B 393 12.70 7.64 34.82
N VAL B 394 13.84 8.08 35.35
CA VAL B 394 13.85 9.21 36.28
C VAL B 394 14.52 10.40 35.61
N SER B 395 13.86 11.55 35.62
CA SER B 395 14.31 12.66 34.82
C SER B 395 14.10 14.00 35.50
N TYR B 396 15.17 14.80 35.52
CA TYR B 396 15.10 16.10 36.15
C TYR B 396 15.79 17.13 35.27
N THR B 397 15.03 18.14 34.90
CA THR B 397 15.54 19.18 34.04
C THR B 397 15.54 20.50 34.79
N LEU B 398 16.65 21.23 34.68
CA LEU B 398 16.73 22.57 35.26
C LEU B 398 17.54 23.52 34.38
N PRO B 399 17.09 24.77 34.30
CA PRO B 399 17.82 25.83 33.61
C PRO B 399 19.11 26.16 34.34
N LEU B 400 20.18 26.45 33.61
CA LEU B 400 21.33 27.11 34.19
C LEU B 400 20.98 28.60 34.33
N TRP B 401 20.31 29.13 33.31
CA TRP B 401 19.77 30.50 33.35
C TRP B 401 18.61 30.65 32.37
N SER C 7 -7.17 10.37 -31.51
CA SER C 7 -7.93 11.14 -30.52
C SER C 7 -8.89 10.22 -29.77
N GLU C 8 -8.47 9.83 -28.57
CA GLU C 8 -9.30 9.01 -27.68
C GLU C 8 -10.50 9.80 -27.18
N PHE C 9 -10.33 11.11 -27.05
CA PHE C 9 -11.40 12.02 -26.69
C PHE C 9 -12.63 11.73 -27.55
N ILE C 10 -12.38 11.44 -28.83
CA ILE C 10 -13.44 11.11 -29.77
C ILE C 10 -13.82 9.63 -29.73
N LYS C 11 -12.82 8.76 -29.80
CA LYS C 11 -13.05 7.32 -29.76
C LYS C 11 -13.89 6.86 -28.55
N ASP C 12 -13.65 7.43 -27.38
CA ASP C 12 -14.43 7.04 -26.20
C ASP C 12 -15.72 7.85 -26.04
N SER C 13 -16.01 8.68 -27.05
CA SER C 13 -17.15 9.60 -27.00
C SER C 13 -18.48 8.84 -26.99
N LYS C 14 -19.48 9.43 -26.36
CA LYS C 14 -20.82 8.84 -26.33
C LYS C 14 -21.93 9.90 -26.32
N ALA C 15 -23.03 9.60 -27.00
CA ALA C 15 -24.15 10.52 -27.07
C ALA C 15 -25.47 9.78 -27.03
N SER C 16 -26.53 10.46 -26.62
CA SER C 16 -27.85 9.87 -26.59
C SER C 16 -28.94 10.93 -26.33
N ILE C 17 -30.13 10.63 -26.82
CA ILE C 17 -31.29 11.44 -26.52
C ILE C 17 -32.28 10.55 -25.79
N GLU C 18 -32.73 10.96 -24.60
CA GLU C 18 -33.77 10.23 -23.92
C GLU C 18 -35.13 10.90 -24.11
N LEU C 19 -36.11 10.11 -24.53
CA LEU C 19 -37.47 10.58 -24.66
C LEU C 19 -38.29 10.09 -23.47
N ARG C 20 -38.91 11.03 -22.78
CA ARG C 20 -39.55 10.73 -21.51
C ARG C 20 -40.97 11.30 -21.40
N ASN C 21 -41.91 10.46 -20.99
CA ASN C 21 -43.27 10.91 -20.77
C ASN C 21 -43.75 10.61 -19.36
N PHE C 22 -44.28 11.65 -18.71
CA PHE C 22 -44.61 11.57 -17.29
C PHE C 22 -46.01 12.08 -16.98
N TYR C 23 -46.88 11.17 -16.54
CA TYR C 23 -48.19 11.55 -16.03
C TYR C 23 -48.27 11.34 -14.52
N PHE C 24 -48.63 12.40 -13.81
CA PHE C 24 -48.72 12.40 -12.36
C PHE C 24 -50.02 13.08 -11.92
N ASN C 25 -50.90 12.32 -11.27
CA ASN C 25 -52.05 12.93 -10.64
C ASN C 25 -52.11 12.57 -9.16
N ARG C 26 -52.14 13.60 -8.33
CA ARG C 26 -52.43 13.44 -6.93
C ARG C 26 -53.94 13.50 -6.77
N ASP C 27 -54.42 13.20 -5.58
CA ASP C 27 -55.79 13.48 -5.21
C ASP C 27 -55.78 13.86 -3.73
N PHE C 28 -56.13 15.11 -3.45
CA PHE C 28 -56.29 15.56 -2.08
C PHE C 28 -57.65 15.10 -1.59
N ARG C 29 -57.67 14.32 -0.51
CA ARG C 29 -58.94 13.77 -0.04
C ARG C 29 -59.21 14.06 1.43
N GLN C 30 -60.49 14.25 1.73
CA GLN C 30 -60.98 14.49 3.08
C GLN C 30 -62.32 13.81 3.23
N GLU C 31 -62.50 13.03 4.30
CA GLU C 31 -63.80 12.42 4.54
C GLU C 31 -64.20 11.52 3.36
N GLY C 32 -63.22 10.92 2.72
CA GLY C 32 -63.47 9.99 1.63
C GLY C 32 -63.88 10.59 0.29
N ALA C 33 -63.74 11.91 0.17
CA ALA C 33 -64.12 12.59 -1.06
C ALA C 33 -62.99 13.47 -1.58
N SER C 34 -62.77 13.44 -2.89
CA SER C 34 -61.78 14.30 -3.52
C SER C 34 -62.10 15.78 -3.30
N GLN C 35 -61.19 16.48 -2.64
CA GLN C 35 -61.35 17.92 -2.41
C GLN C 35 -60.81 18.70 -3.60
N SER C 36 -59.49 18.76 -3.71
CA SER C 36 -58.85 19.26 -4.91
C SER C 36 -58.17 18.07 -5.56
N LYS C 37 -57.64 18.23 -6.78
CA LYS C 37 -57.11 17.08 -7.51
C LYS C 37 -55.98 17.43 -8.49
N ALA C 38 -54.75 17.51 -7.99
CA ALA C 38 -53.60 17.80 -8.83
C ALA C 38 -53.43 16.79 -9.96
N GLU C 39 -53.18 17.30 -11.16
CA GLU C 39 -52.89 16.47 -12.32
C GLU C 39 -51.80 17.13 -13.18
N GLU C 40 -50.90 16.31 -13.70
CA GLU C 40 -49.78 16.81 -14.49
C GLU C 40 -49.36 15.82 -15.57
N TRP C 41 -49.22 16.31 -16.80
CA TRP C 41 -48.72 15.50 -17.89
C TRP C 41 -47.68 16.30 -18.68
N ALA C 42 -46.50 15.72 -18.88
CA ALA C 42 -45.43 16.41 -19.59
C ALA C 42 -44.64 15.48 -20.52
N GLN C 43 -43.96 16.07 -21.50
CA GLN C 43 -43.08 15.33 -22.39
C GLN C 43 -41.69 15.97 -22.41
N GLY C 44 -40.67 15.15 -22.26
CA GLY C 44 -39.32 15.65 -22.13
C GLY C 44 -38.28 15.01 -23.02
N PHE C 45 -37.26 15.79 -23.36
CA PHE C 45 -36.14 15.28 -24.13
C PHE C 45 -34.84 15.52 -23.37
N LEU C 46 -34.12 14.42 -23.11
CA LEU C 46 -32.84 14.51 -22.40
C LEU C 46 -31.66 14.22 -23.34
N LEU C 47 -31.02 15.28 -23.82
CA LEU C 47 -29.85 15.15 -24.68
C LEU C 47 -28.58 15.03 -23.83
N ARG C 48 -27.91 13.88 -23.91
CA ARG C 48 -26.70 13.64 -23.12
C ARG C 48 -25.45 13.51 -23.98
N TYR C 49 -24.35 14.10 -23.50
CA TYR C 49 -23.07 13.99 -24.20
C TYR C 49 -21.87 13.84 -23.24
N GLU C 50 -21.10 12.79 -23.47
CA GLU C 50 -19.91 12.49 -22.67
C GLU C 50 -18.71 12.21 -23.57
N SER C 51 -17.75 13.13 -23.58
CA SER C 51 -16.57 12.98 -24.41
C SER C 51 -15.63 11.97 -23.77
N GLY C 52 -14.77 11.35 -24.55
CA GLY C 52 -13.75 10.50 -23.97
C GLY C 52 -12.83 11.37 -23.14
N TYR C 53 -11.86 10.76 -22.46
CA TYR C 53 -10.79 11.53 -21.87
C TYR C 53 -9.64 11.61 -22.87
N THR C 54 -8.88 12.68 -22.83
CA THR C 54 -7.61 12.70 -23.57
C THR C 54 -6.64 11.69 -22.94
N GLU C 55 -5.79 11.10 -23.76
CA GLU C 55 -4.88 10.07 -23.30
C GLU C 55 -3.82 10.68 -22.40
N GLY C 56 -3.25 9.88 -21.50
CA GLY C 56 -2.20 10.38 -20.64
C GLY C 56 -2.41 10.30 -19.13
N THR C 57 -1.35 10.64 -18.41
CA THR C 57 -1.38 10.65 -16.96
C THR C 57 -2.56 11.47 -16.46
N ILE C 58 -2.77 12.64 -17.06
CA ILE C 58 -3.92 13.44 -16.70
C ILE C 58 -4.84 13.61 -17.90
N GLY C 59 -6.07 13.14 -17.77
CA GLY C 59 -7.02 13.23 -18.85
C GLY C 59 -8.01 14.36 -18.70
N PHE C 60 -8.33 15.00 -19.81
CA PHE C 60 -9.37 16.02 -19.85
C PHE C 60 -10.51 15.57 -20.77
N GLY C 61 -11.74 15.74 -20.29
CA GLY C 61 -12.92 15.45 -21.08
C GLY C 61 -14.01 16.45 -20.75
N VAL C 62 -15.08 16.45 -21.52
CA VAL C 62 -16.19 17.34 -21.24
C VAL C 62 -17.54 16.63 -21.38
N ASP C 63 -18.46 16.97 -20.49
CA ASP C 63 -19.83 16.47 -20.60
C ASP C 63 -20.78 17.63 -20.77
N ALA C 64 -21.86 17.37 -21.50
CA ALA C 64 -22.87 18.39 -21.74
C ALA C 64 -24.24 17.75 -21.66
N ILE C 65 -25.24 18.55 -21.34
CA ILE C 65 -26.59 18.02 -21.29
C ILE C 65 -27.60 19.10 -21.70
N GLY C 66 -28.60 18.70 -22.49
CA GLY C 66 -29.68 19.58 -22.87
C GLY C 66 -30.97 19.01 -22.34
N LEU C 67 -31.72 19.82 -21.59
CA LEU C 67 -32.94 19.35 -20.95
C LEU C 67 -34.11 20.23 -21.33
N LEU C 68 -35.13 19.64 -21.94
CA LEU C 68 -36.30 20.38 -22.36
C LEU C 68 -37.59 19.58 -22.12
N GLY C 69 -38.54 20.20 -21.43
CA GLY C 69 -39.82 19.57 -21.19
C GLY C 69 -40.94 20.31 -21.88
N ASP C 96 -43.13 25.46 -21.33
CA ASP C 96 -41.85 24.87 -21.68
C ASP C 96 -40.74 25.33 -20.74
N TYR C 97 -39.95 24.37 -20.24
CA TYR C 97 -38.89 24.67 -19.29
C TYR C 97 -37.72 23.71 -19.50
N GLY C 98 -36.69 23.85 -18.68
CA GLY C 98 -35.50 23.02 -18.80
C GLY C 98 -34.24 23.83 -19.01
N GLU C 99 -33.17 23.17 -19.42
CA GLU C 99 -31.91 23.87 -19.64
C GLU C 99 -30.85 23.02 -20.34
N ALA C 100 -29.76 23.67 -20.73
CA ALA C 100 -28.56 22.98 -21.18
C ALA C 100 -27.53 23.08 -20.06
N GLY C 101 -26.56 22.18 -20.07
CA GLY C 101 -25.56 22.16 -19.02
C GLY C 101 -24.24 21.58 -19.49
N ILE C 102 -23.15 22.10 -18.93
CA ILE C 102 -21.82 21.63 -19.30
C ILE C 102 -20.97 21.30 -18.09
N THR C 103 -20.09 20.33 -18.24
CA THR C 103 -19.22 19.92 -17.16
C THR C 103 -17.84 19.57 -17.70
N ALA C 104 -16.84 20.32 -17.25
CA ALA C 104 -15.46 20.02 -17.57
C ALA C 104 -15.00 18.86 -16.65
N LYS C 105 -14.31 17.88 -17.22
CA LYS C 105 -13.86 16.69 -16.50
C LYS C 105 -12.34 16.55 -16.46
N LEU C 106 -11.79 16.39 -15.27
CA LEU C 106 -10.36 16.10 -15.14
C LEU C 106 -10.13 14.77 -14.39
N ARG C 107 -9.26 13.92 -14.93
CA ARG C 107 -9.05 12.60 -14.36
C ARG C 107 -7.57 12.27 -14.27
N ALA C 108 -7.17 11.71 -13.14
CA ALA C 108 -5.78 11.30 -12.92
C ALA C 108 -5.73 10.15 -11.95
N SER C 109 -5.20 9.03 -12.40
CA SER C 109 -5.05 7.86 -11.54
C SER C 109 -6.44 7.33 -11.17
N LYS C 110 -6.85 7.50 -9.92
CA LYS C 110 -8.13 6.98 -9.45
C LYS C 110 -9.00 8.08 -8.88
N SER C 111 -8.78 9.29 -9.37
CA SER C 111 -9.44 10.46 -8.83
C SER C 111 -10.03 11.24 -9.98
N THR C 112 -10.98 12.10 -9.67
CA THR C 112 -11.78 12.75 -10.68
C THR C 112 -12.24 14.11 -10.20
N LEU C 113 -12.03 15.12 -11.02
CA LEU C 113 -12.56 16.46 -10.75
C LEU C 113 -13.57 16.85 -11.84
N LYS C 114 -14.74 17.29 -11.42
CA LYS C 114 -15.78 17.73 -12.34
C LYS C 114 -16.18 19.13 -11.94
N ILE C 115 -16.27 20.02 -12.93
CA ILE C 115 -16.69 21.40 -12.70
C ILE C 115 -17.81 21.74 -13.68
N GLY C 116 -18.91 22.27 -13.15
CA GLY C 116 -20.03 22.66 -13.99
C GLY C 116 -21.33 22.08 -13.48
N THR C 117 -22.09 21.45 -14.38
CA THR C 117 -23.31 20.77 -13.98
C THR C 117 -23.00 19.44 -13.27
N LEU C 118 -23.61 19.24 -12.11
CA LEU C 118 -23.32 18.06 -11.31
C LEU C 118 -24.59 17.39 -10.79
N THR C 119 -24.53 16.08 -10.66
CA THR C 119 -25.61 15.33 -10.04
C THR C 119 -25.01 14.38 -9.03
N PRO C 120 -24.56 14.91 -7.89
CA PRO C 120 -23.83 14.04 -6.97
C PRO C 120 -24.77 13.11 -6.22
N LYS C 121 -24.24 12.00 -5.72
CA LYS C 121 -25.08 11.02 -5.06
C LYS C 121 -24.49 10.60 -3.71
N LEU C 122 -24.87 11.31 -2.66
CA LEU C 122 -24.27 11.06 -1.35
C LEU C 122 -25.32 11.12 -0.26
N PRO C 123 -24.99 10.56 0.92
CA PRO C 123 -25.92 10.63 2.06
C PRO C 123 -26.37 12.07 2.35
N VAL C 124 -25.51 13.05 2.13
CA VAL C 124 -25.90 14.46 2.36
C VAL C 124 -26.54 15.16 1.16
N ILE C 125 -26.61 14.48 0.03
CA ILE C 125 -27.29 15.05 -1.14
C ILE C 125 -27.71 13.99 -2.17
N MET C 126 -29.01 13.72 -2.20
CA MET C 126 -29.60 12.81 -3.18
C MET C 126 -30.51 13.63 -4.08
N PRO C 127 -29.97 14.11 -5.21
CA PRO C 127 -30.73 14.85 -6.22
C PRO C 127 -31.97 14.11 -6.64
N ASN C 128 -33.07 14.83 -6.77
CA ASN C 128 -34.33 14.22 -7.18
C ASN C 128 -34.35 13.90 -8.67
N ASP C 129 -34.96 12.79 -9.04
CA ASP C 129 -35.18 12.47 -10.44
C ASP C 129 -36.41 11.60 -10.58
N SER C 130 -37.45 11.96 -9.83
CA SER C 130 -38.67 11.16 -9.75
C SER C 130 -39.77 11.77 -10.61
N ARG C 131 -39.54 13.00 -11.08
CA ARG C 131 -40.46 13.66 -12.00
C ARG C 131 -39.92 13.56 -13.42
N LEU C 132 -40.22 14.57 -14.25
CA LEU C 132 -39.80 14.57 -15.65
C LEU C 132 -38.30 14.83 -15.82
N LEU C 133 -37.86 16.04 -15.51
CA LEU C 133 -36.46 16.39 -15.67
C LEU C 133 -35.73 16.36 -14.32
N PRO C 134 -34.49 15.88 -14.31
CA PRO C 134 -33.77 15.71 -13.05
C PRO C 134 -33.34 17.05 -12.47
N GLN C 135 -33.27 17.09 -11.15
CA GLN C 135 -32.68 18.21 -10.46
C GLN C 135 -31.18 18.11 -10.67
N THR C 136 -30.54 19.21 -11.06
CA THR C 136 -29.09 19.24 -11.23
C THR C 136 -28.49 20.38 -10.42
N PHE C 137 -27.17 20.38 -10.31
CA PHE C 137 -26.51 21.44 -9.56
C PHE C 137 -25.36 22.05 -10.35
N GLN C 138 -25.00 23.28 -9.98
CA GLN C 138 -23.81 23.92 -10.49
C GLN C 138 -22.76 23.94 -9.39
N GLY C 139 -21.52 23.55 -9.72
CA GLY C 139 -20.46 23.54 -8.73
C GLY C 139 -19.22 22.81 -9.19
N GLY C 140 -18.52 22.24 -8.22
CA GLY C 140 -17.33 21.45 -8.48
C GLY C 140 -17.25 20.30 -7.50
N ALA C 141 -16.73 19.16 -7.95
CA ALA C 141 -16.66 17.98 -7.09
C ALA C 141 -15.42 17.15 -7.34
N LEU C 142 -14.85 16.66 -6.25
CA LEU C 142 -13.70 15.80 -6.30
C LEU C 142 -14.09 14.40 -5.83
N ASN C 143 -13.69 13.40 -6.61
CA ASN C 143 -13.85 12.01 -6.23
C ASN C 143 -12.50 11.30 -6.28
N SER C 144 -12.14 10.61 -5.20
CA SER C 144 -10.85 9.92 -5.13
C SER C 144 -10.98 8.50 -4.56
N MET C 145 -10.28 7.56 -5.19
CA MET C 145 -10.27 6.17 -4.74
C MET C 145 -8.84 5.68 -4.73
N GLU C 146 -7.91 6.58 -4.43
CA GLU C 146 -6.48 6.29 -4.51
C GLU C 146 -6.10 5.22 -3.48
N ILE C 147 -6.58 5.42 -2.25
CA ILE C 147 -6.32 4.52 -1.14
C ILE C 147 -7.23 3.32 -1.23
N ASP C 148 -6.65 2.12 -1.21
CA ASP C 148 -7.43 0.90 -1.41
C ASP C 148 -8.65 0.81 -0.50
N GLY C 149 -9.80 0.59 -1.11
CA GLY C 149 -11.04 0.47 -0.37
C GLY C 149 -11.54 1.77 0.23
N LEU C 150 -10.86 2.87 -0.05
CA LEU C 150 -11.30 4.16 0.50
C LEU C 150 -11.81 5.14 -0.58
N THR C 151 -13.10 5.40 -0.55
CA THR C 151 -13.74 6.32 -1.48
C THR C 151 -13.95 7.65 -0.81
N LEU C 152 -13.33 8.68 -1.37
CA LEU C 152 -13.46 10.03 -0.82
C LEU C 152 -14.21 10.96 -1.78
N ASP C 153 -14.91 11.94 -1.22
CA ASP C 153 -15.63 12.91 -2.03
C ASP C 153 -15.55 14.26 -1.34
N ALA C 154 -15.75 15.31 -2.11
CA ALA C 154 -15.72 16.66 -1.58
C ALA C 154 -16.10 17.60 -2.70
N GLY C 155 -16.85 18.64 -2.38
CA GLY C 155 -17.24 19.60 -3.39
C GLY C 155 -18.04 20.75 -2.82
N ARG C 156 -18.40 21.66 -3.71
CA ARG C 156 -19.18 22.82 -3.34
C ARG C 156 -20.20 23.11 -4.43
N LEU C 157 -21.47 23.17 -4.04
CA LEU C 157 -22.53 23.51 -4.98
C LEU C 157 -22.93 24.99 -4.80
N LYS C 158 -23.05 25.71 -5.91
CA LYS C 158 -23.35 27.14 -5.87
C LYS C 158 -24.82 27.39 -6.15
N LYS C 159 -25.36 26.63 -7.09
CA LYS C 159 -26.74 26.81 -7.52
C LYS C 159 -27.46 25.47 -7.73
N VAL C 160 -28.78 25.49 -7.59
CA VAL C 160 -29.61 24.36 -7.93
C VAL C 160 -30.54 24.75 -9.07
N ASN C 161 -30.56 23.92 -10.12
CA ASN C 161 -31.57 24.06 -11.16
C ASN C 161 -32.63 23.00 -10.91
N GLN C 162 -33.78 23.44 -10.40
CA GLN C 162 -34.84 22.52 -9.97
C GLN C 162 -35.52 21.81 -11.14
N ARG C 163 -36.08 20.64 -10.85
CA ARG C 163 -36.78 19.83 -11.83
C ARG C 163 -37.86 20.60 -12.60
N ASP C 164 -38.46 21.61 -11.96
CA ASP C 164 -39.57 22.36 -12.53
C ASP C 164 -39.13 23.69 -13.17
N SER C 165 -38.03 24.25 -12.66
CA SER C 165 -37.59 25.59 -13.07
C SER C 165 -36.57 25.57 -14.20
N SER C 166 -36.42 26.71 -14.87
CA SER C 166 -35.50 26.82 -15.99
C SER C 166 -34.16 27.45 -15.61
N ASP C 167 -34.17 28.28 -14.56
CA ASP C 167 -32.95 28.99 -14.16
C ASP C 167 -32.24 28.37 -12.95
N ASN C 168 -30.92 28.56 -12.88
CA ASN C 168 -30.15 28.19 -11.71
C ASN C 168 -30.42 29.19 -10.60
N GLU C 169 -30.89 28.69 -9.47
CA GLU C 169 -31.27 29.53 -8.35
C GLU C 169 -30.41 29.17 -7.14
N ASP C 170 -30.46 29.99 -6.09
CA ASP C 170 -29.79 29.66 -4.85
C ASP C 170 -30.53 28.54 -4.10
N MET C 171 -29.88 27.99 -3.08
CA MET C 171 -30.45 26.83 -2.38
C MET C 171 -31.15 27.23 -1.09
N THR C 172 -32.07 26.37 -0.65
CA THR C 172 -32.76 26.51 0.61
C THR C 172 -33.00 25.13 1.21
N ILE C 173 -33.62 25.09 2.38
CA ILE C 173 -33.89 23.81 3.04
C ILE C 173 -35.33 23.37 2.84
N THR C 174 -35.55 22.06 2.78
CA THR C 174 -36.88 21.51 2.72
C THR C 174 -37.63 21.85 4.01
N GLY C 175 -38.67 22.67 3.89
CA GLY C 175 -39.47 23.07 5.03
C GLY C 175 -40.94 22.66 4.89
N GLY C 176 -41.78 23.08 5.84
CA GLY C 176 -43.20 22.82 5.75
C GLY C 176 -43.63 21.56 6.48
N GLY C 177 -44.90 21.20 6.31
CA GLY C 177 -45.45 20.04 7.00
C GLY C 177 -45.36 20.20 8.51
N LYS C 178 -44.91 19.16 9.19
CA LYS C 178 -44.67 19.24 10.63
C LYS C 178 -43.20 18.96 10.95
N ARG C 179 -42.32 19.45 10.07
CA ARG C 179 -40.89 19.34 10.30
C ARG C 179 -40.45 20.36 11.33
N GLN C 180 -41.30 21.36 11.55
CA GLN C 180 -41.02 22.50 12.41
C GLN C 180 -39.65 23.14 12.16
N ILE C 181 -39.36 23.45 10.89
CA ILE C 181 -38.11 24.11 10.56
C ILE C 181 -38.35 25.59 10.25
N VAL C 182 -37.81 26.44 11.13
CA VAL C 182 -38.00 27.88 11.05
C VAL C 182 -36.76 28.56 10.45
N VAL C 183 -36.93 29.24 9.32
CA VAL C 183 -35.83 29.96 8.71
C VAL C 183 -36.18 31.44 8.57
N ARG C 184 -35.16 32.30 8.58
CA ARG C 184 -35.36 33.74 8.43
C ARG C 184 -36.03 34.07 7.09
N SER C 185 -36.62 35.27 7.02
CA SER C 185 -37.39 35.68 5.85
C SER C 185 -36.59 35.77 4.57
N GLY C 186 -36.97 34.96 3.58
CA GLY C 186 -36.30 34.93 2.30
C GLY C 186 -34.84 34.54 2.39
N LEU C 187 -34.48 33.82 3.45
CA LEU C 187 -33.12 33.35 3.63
C LEU C 187 -32.76 32.36 2.53
N THR C 188 -31.53 32.45 2.07
CA THR C 188 -31.09 31.69 0.91
C THR C 188 -29.59 31.41 1.02
N SER C 189 -29.17 30.23 0.58
CA SER C 189 -27.78 29.83 0.71
C SER C 189 -27.01 29.85 -0.63
N ASP C 190 -25.80 30.36 -0.57
CA ASP C 190 -24.91 30.43 -1.72
C ASP C 190 -24.05 29.17 -1.83
N LYS C 191 -23.90 28.46 -0.73
CA LYS C 191 -22.88 27.43 -0.63
C LYS C 191 -23.33 26.17 0.12
N PHE C 192 -23.27 25.03 -0.55
CA PHE C 192 -23.38 23.74 0.11
C PHE C 192 -22.04 23.04 -0.01
N ASP C 193 -21.33 22.93 1.09
CA ASP C 193 -20.05 22.21 1.11
C ASP C 193 -20.28 20.79 1.59
N PHE C 194 -19.56 19.84 0.97
CA PHE C 194 -19.63 18.45 1.43
C PHE C 194 -18.26 17.80 1.33
N ALA C 195 -18.07 16.78 2.15
CA ALA C 195 -16.82 16.04 2.16
C ALA C 195 -17.17 14.80 2.94
N GLY C 196 -16.75 13.66 2.43
CA GLY C 196 -17.21 12.43 3.01
C GLY C 196 -16.29 11.33 2.57
N GLY C 197 -16.59 10.13 3.02
CA GLY C 197 -15.80 8.98 2.61
C GLY C 197 -16.48 7.71 3.03
N SER C 198 -16.07 6.63 2.39
CA SER C 198 -16.60 5.33 2.67
C SER C 198 -15.42 4.37 2.68
N TYR C 199 -15.34 3.52 3.70
CA TYR C 199 -14.25 2.56 3.80
C TYR C 199 -14.76 1.11 3.85
N LYS C 200 -14.26 0.30 2.93
CA LYS C 200 -14.54 -1.13 2.93
C LYS C 200 -13.62 -1.88 3.91
N TRP C 201 -14.14 -2.22 5.09
CA TRP C 201 -13.34 -3.01 6.04
C TRP C 201 -13.20 -4.47 5.56
N THR C 202 -14.23 -4.98 4.89
CA THR C 202 -14.17 -6.28 4.23
C THR C 202 -14.95 -6.25 2.92
N ASP C 203 -15.01 -7.38 2.22
CA ASP C 203 -15.81 -7.48 1.00
C ASP C 203 -17.29 -7.40 1.31
N ASN C 204 -17.63 -7.53 2.57
CA ASN C 204 -19.02 -7.53 2.98
C ASN C 204 -19.36 -6.36 3.89
N LEU C 205 -18.33 -5.72 4.45
CA LEU C 205 -18.58 -4.61 5.37
C LEU C 205 -17.89 -3.28 5.01
N SER C 206 -18.66 -2.20 5.14
CA SER C 206 -18.17 -0.85 4.92
C SER C 206 -18.79 0.13 5.89
N THR C 207 -18.09 1.23 6.13
CA THR C 207 -18.65 2.34 6.88
C THR C 207 -18.36 3.68 6.17
N SER C 208 -19.15 4.69 6.53
CA SER C 208 -19.08 5.96 5.86
C SER C 208 -19.27 7.07 6.86
N TYR C 209 -18.64 8.19 6.57
CA TYR C 209 -18.88 9.44 7.26
C TYR C 209 -18.98 10.55 6.22
N HIS C 210 -20.07 11.30 6.27
CA HIS C 210 -20.24 12.37 5.31
C HIS C 210 -20.66 13.63 6.01
N TYR C 211 -20.19 14.76 5.47
CA TYR C 211 -20.46 16.04 6.05
C TYR C 211 -21.05 16.95 4.98
N GLY C 212 -22.15 17.60 5.32
CA GLY C 212 -22.76 18.59 4.47
C GLY C 212 -23.03 19.85 5.27
N LYS C 213 -22.77 21.00 4.65
CA LYS C 213 -23.09 22.27 5.27
C LYS C 213 -23.78 23.17 4.24
N LEU C 214 -25.06 23.43 4.46
CA LEU C 214 -25.78 24.45 3.70
C LEU C 214 -25.60 25.78 4.44
N ASP C 215 -24.93 26.72 3.79
CA ASP C 215 -24.50 27.94 4.47
C ASP C 215 -25.63 28.73 5.15
N ASN C 216 -25.48 28.92 6.45
CA ASN C 216 -26.43 29.63 7.30
C ASN C 216 -27.60 28.75 7.80
N PHE C 217 -27.86 27.65 7.09
CA PHE C 217 -29.03 26.81 7.36
C PHE C 217 -28.75 25.68 8.35
N TYR C 218 -27.78 24.84 8.02
CA TYR C 218 -27.46 23.70 8.86
C TYR C 218 -26.13 23.07 8.54
N LYS C 219 -25.63 22.32 9.51
CA LYS C 219 -24.44 21.49 9.32
C LYS C 219 -24.82 20.07 9.74
N GLN C 220 -24.53 19.11 8.87
CA GLN C 220 -24.96 17.74 9.09
C GLN C 220 -23.79 16.77 9.10
N HIS C 221 -23.76 15.90 10.11
CA HIS C 221 -22.82 14.80 10.16
C HIS C 221 -23.59 13.52 9.85
N TYR C 222 -23.12 12.76 8.88
CA TYR C 222 -23.81 11.53 8.52
C TYR C 222 -22.92 10.32 8.75
N LEU C 223 -23.45 9.33 9.46
CA LEU C 223 -22.74 8.07 9.61
C LEU C 223 -23.59 6.89 9.12
N GLY C 224 -22.95 5.93 8.48
CA GLY C 224 -23.62 4.72 8.09
C GLY C 224 -22.71 3.50 8.21
N LEU C 225 -23.34 2.33 8.24
CA LEU C 225 -22.61 1.09 8.05
C LEU C 225 -23.46 0.25 7.14
N VAL C 226 -22.82 -0.51 6.25
CA VAL C 226 -23.56 -1.41 5.39
C VAL C 226 -22.92 -2.81 5.41
N HIS C 227 -23.72 -3.79 5.83
CA HIS C 227 -23.24 -5.16 5.94
C HIS C 227 -24.08 -6.12 5.10
N THR C 228 -23.40 -6.89 4.25
CA THR C 228 -24.07 -7.90 3.44
C THR C 228 -23.68 -9.32 3.89
N LEU C 229 -24.68 -10.10 4.30
CA LEU C 229 -24.44 -11.46 4.79
C LEU C 229 -24.89 -12.50 3.77
N PRO C 230 -23.94 -13.16 3.09
CA PRO C 230 -24.27 -14.29 2.24
C PRO C 230 -24.52 -15.55 3.07
N ILE C 231 -25.78 -15.89 3.31
CA ILE C 231 -26.13 -16.99 4.19
C ILE C 231 -26.21 -18.33 3.46
N ALA C 232 -26.45 -18.25 2.14
CA ALA C 232 -26.51 -19.43 1.30
C ALA C 232 -26.43 -19.02 -0.17
N ASP C 233 -26.73 -19.96 -1.06
CA ASP C 233 -26.74 -19.69 -2.49
C ASP C 233 -27.93 -18.81 -2.86
N LYS C 234 -27.65 -17.62 -3.38
CA LYS C 234 -28.71 -16.70 -3.77
C LYS C 234 -29.60 -16.39 -2.57
N GLN C 235 -29.05 -16.53 -1.37
CA GLN C 235 -29.77 -16.23 -0.14
C GLN C 235 -28.91 -15.29 0.70
N SER C 236 -29.37 -14.04 0.85
CA SER C 236 -28.52 -12.97 1.36
C SER C 236 -29.25 -11.99 2.29
N LEU C 237 -28.54 -11.51 3.31
CA LEU C 237 -29.07 -10.48 4.22
C LEU C 237 -28.25 -9.20 4.16
N LYS C 238 -28.94 -8.06 4.02
CA LYS C 238 -28.26 -6.76 3.95
C LYS C 238 -28.69 -5.86 5.11
N SER C 239 -27.71 -5.30 5.81
CA SER C 239 -27.97 -4.43 6.95
C SER C 239 -27.43 -3.01 6.70
N ASP C 240 -28.35 -2.08 6.53
CA ASP C 240 -28.03 -0.71 6.23
C ASP C 240 -28.39 0.13 7.46
N ILE C 241 -27.39 0.55 8.22
CA ILE C 241 -27.64 1.32 9.45
C ILE C 241 -27.12 2.74 9.32
N ARG C 242 -27.96 3.70 9.66
CA ARG C 242 -27.58 5.10 9.47
C ARG C 242 -27.95 5.94 10.65
N TRP C 243 -27.22 7.03 10.82
CA TRP C 243 -27.48 7.98 11.88
C TRP C 243 -26.94 9.34 11.45
N ALA C 244 -27.80 10.35 11.50
CA ALA C 244 -27.38 11.68 11.11
C ALA C 244 -27.66 12.66 12.24
N ARG C 245 -26.78 13.65 12.36
CA ARG C 245 -26.87 14.70 13.36
C ARG C 245 -26.86 16.04 12.61
N SER C 246 -27.95 16.77 12.71
CA SER C 246 -28.06 18.04 12.02
C SER C 246 -28.24 19.14 13.06
N THR C 247 -27.43 20.19 12.95
CA THR C 247 -27.58 21.38 13.78
C THR C 247 -27.65 22.59 12.85
N ASP C 248 -27.97 23.75 13.41
CA ASP C 248 -28.13 24.94 12.60
C ASP C 248 -26.79 25.62 12.31
N ASP C 249 -26.80 26.53 11.34
CA ASP C 249 -25.61 27.28 11.03
C ASP C 249 -25.80 28.78 11.28
N GLY C 250 -26.70 29.11 12.19
CA GLY C 250 -26.84 30.48 12.64
C GLY C 250 -28.13 31.17 12.27
N SER C 251 -28.70 30.81 11.13
CA SER C 251 -29.91 31.47 10.65
C SER C 251 -31.14 30.53 10.64
N SER C 252 -31.07 29.46 11.42
CA SER C 252 -32.18 28.51 11.53
C SER C 252 -32.27 27.89 12.93
N ASN C 253 -33.22 26.97 13.11
CA ASN C 253 -33.35 26.23 14.36
C ASN C 253 -33.16 24.72 14.17
N VAL C 254 -32.49 24.34 13.09
CA VAL C 254 -32.24 22.92 12.80
C VAL C 254 -31.57 22.18 13.98
N ASP C 255 -32.27 21.20 14.53
CA ASP C 255 -31.74 20.35 15.59
C ASP C 255 -32.37 18.97 15.51
N ASN C 256 -31.71 18.07 14.79
CA ASN C 256 -32.25 16.74 14.53
C ASN C 256 -31.24 15.61 14.63
N LYS C 257 -31.62 14.56 15.35
CA LYS C 257 -30.94 13.28 15.26
C LYS C 257 -31.82 12.37 14.42
N ALA C 258 -31.25 11.82 13.36
CA ALA C 258 -32.01 10.95 12.47
C ALA C 258 -31.45 9.55 12.50
N LEU C 259 -32.06 8.70 13.33
CA LEU C 259 -31.66 7.29 13.37
C LEU C 259 -32.55 6.49 12.42
N ASN C 260 -31.95 5.90 11.39
CA ASN C 260 -32.72 5.03 10.52
C ASN C 260 -31.92 3.81 10.03
N ALA C 261 -32.60 2.68 9.86
CA ALA C 261 -31.95 1.46 9.41
C ALA C 261 -32.93 0.57 8.64
N MET C 262 -32.40 -0.18 7.68
CA MET C 262 -33.22 -1.13 6.95
C MET C 262 -32.49 -2.46 6.77
N PHE C 263 -33.22 -3.55 6.99
CA PHE C 263 -32.69 -4.91 6.84
C PHE C 263 -33.46 -5.65 5.76
N THR C 264 -32.72 -6.22 4.80
CA THR C 264 -33.33 -6.84 3.62
C THR C 264 -32.76 -8.23 3.35
N TYR C 265 -33.65 -9.22 3.46
CA TYR C 265 -33.30 -10.61 3.18
C TYR C 265 -33.69 -10.99 1.75
N SER C 266 -32.69 -11.29 0.92
CA SER C 266 -32.92 -11.69 -0.47
C SER C 266 -32.71 -13.19 -0.68
N LEU C 267 -33.64 -13.82 -1.37
CA LEU C 267 -33.46 -15.19 -1.79
C LEU C 267 -34.24 -15.43 -3.08
N GLY C 268 -33.55 -15.94 -4.08
CA GLY C 268 -34.12 -16.08 -5.40
C GLY C 268 -34.51 -14.70 -5.92
N TYR C 269 -35.70 -14.61 -6.50
CA TYR C 269 -36.16 -13.35 -7.06
C TYR C 269 -37.00 -12.57 -6.05
N HIS C 270 -36.97 -13.00 -4.80
CA HIS C 270 -37.77 -12.38 -3.75
C HIS C 270 -36.91 -11.58 -2.78
N ALA C 271 -37.52 -10.61 -2.13
CA ALA C 271 -36.86 -9.88 -1.06
C ALA C 271 -37.90 -9.30 -0.11
N PHE C 272 -37.60 -9.39 1.18
CA PHE C 272 -38.48 -8.84 2.21
C PHE C 272 -37.64 -7.90 3.06
N GLY C 273 -38.06 -6.63 3.13
CA GLY C 273 -37.36 -5.66 3.94
C GLY C 273 -38.11 -5.14 5.16
N VAL C 274 -37.36 -4.73 6.17
CA VAL C 274 -37.89 -4.05 7.33
C VAL C 274 -37.11 -2.76 7.54
N GLY C 275 -37.81 -1.70 7.92
CA GLY C 275 -37.17 -0.40 8.08
C GLY C 275 -37.58 0.29 9.35
N TYR C 276 -36.66 1.03 9.93
CA TYR C 276 -36.96 1.77 11.15
C TYR C 276 -36.37 3.17 11.09
N GLN C 277 -37.13 4.14 11.59
CA GLN C 277 -36.72 5.52 11.48
C GLN C 277 -37.26 6.32 12.65
N LYS C 278 -36.39 7.09 13.29
CA LYS C 278 -36.80 7.96 14.38
C LYS C 278 -36.19 9.34 14.20
N MET C 279 -37.04 10.36 14.25
CA MET C 279 -36.57 11.72 14.31
C MET C 279 -36.44 12.05 15.80
N SER C 280 -35.29 12.60 16.20
CA SER C 280 -35.13 13.15 17.54
C SER C 280 -34.72 14.61 17.44
N GLY C 281 -34.98 15.37 18.50
CA GLY C 281 -34.60 16.75 18.54
C GLY C 281 -35.73 17.71 18.18
N ASP C 282 -35.42 19.00 18.23
CA ASP C 282 -36.44 20.03 18.07
C ASP C 282 -37.02 20.06 16.66
N THR C 283 -36.27 19.58 15.68
CA THR C 283 -36.75 19.63 14.30
C THR C 283 -36.65 18.27 13.62
N GLY C 284 -37.41 18.09 12.55
CA GLY C 284 -37.29 16.92 11.71
C GLY C 284 -36.01 16.95 10.90
N PHE C 285 -35.90 16.08 9.90
CA PHE C 285 -34.67 15.92 9.13
C PHE C 285 -34.36 17.10 8.21
N ALA C 286 -33.08 17.46 8.15
CA ALA C 286 -32.66 18.57 7.29
C ALA C 286 -32.14 18.06 5.95
N TYR C 287 -32.74 18.55 4.86
CA TYR C 287 -32.18 18.30 3.54
C TYR C 287 -32.51 19.40 2.56
N ILE C 288 -31.64 19.55 1.57
CA ILE C 288 -31.79 20.56 0.55
C ILE C 288 -33.16 20.49 -0.08
N ASN C 289 -33.79 21.66 -0.19
CA ASN C 289 -35.10 21.75 -0.81
C ASN C 289 -35.05 21.28 -2.26
N GLY C 290 -36.00 20.43 -2.64
CA GLY C 290 -35.99 19.81 -3.96
C GLY C 290 -35.28 18.46 -4.00
N ALA C 291 -34.35 18.24 -3.08
CA ALA C 291 -33.58 16.99 -3.06
C ALA C 291 -34.31 15.86 -2.34
N ASP C 292 -33.92 14.62 -2.59
CA ASP C 292 -34.47 13.52 -1.80
C ASP C 292 -33.71 13.41 -0.50
N PRO C 293 -34.43 13.11 0.59
CA PRO C 293 -33.70 12.93 1.85
C PRO C 293 -33.16 11.50 1.86
N TYR C 294 -31.93 11.31 2.31
CA TYR C 294 -31.38 9.95 2.40
C TYR C 294 -31.94 9.28 3.66
N LEU C 295 -33.20 8.85 3.58
CA LEU C 295 -33.88 8.16 4.69
C LEU C 295 -34.56 6.86 4.23
N VAL C 296 -34.30 5.78 4.94
CA VAL C 296 -34.82 4.47 4.55
C VAL C 296 -36.34 4.48 4.40
N ASN C 297 -37.03 5.25 5.24
CA ASN C 297 -38.49 5.28 5.21
C ASN C 297 -39.08 6.42 4.37
N PHE C 298 -38.21 7.14 3.66
CA PHE C 298 -38.65 8.06 2.63
C PHE C 298 -39.17 7.30 1.41
N ILE C 299 -40.47 7.35 1.16
CA ILE C 299 -41.04 6.59 0.05
C ILE C 299 -41.75 7.50 -0.96
N GLN C 300 -42.74 6.97 -1.67
CA GLN C 300 -43.33 7.67 -2.80
C GLN C 300 -43.93 9.03 -2.43
N ILE C 301 -44.82 9.04 -1.44
CA ILE C 301 -45.42 10.30 -1.03
C ILE C 301 -44.74 10.92 0.18
N GLY C 302 -44.62 10.17 1.27
CA GLY C 302 -44.09 10.72 2.52
C GLY C 302 -42.62 10.47 2.75
N ASP C 303 -42.01 11.31 3.58
CA ASP C 303 -40.63 11.09 4.00
C ASP C 303 -40.59 10.71 5.48
N PHE C 304 -41.77 10.77 6.10
CA PHE C 304 -41.93 10.41 7.49
C PHE C 304 -40.87 11.03 8.39
N ALA C 305 -40.53 12.29 8.11
CA ALA C 305 -39.41 12.93 8.77
C ALA C 305 -39.80 14.16 9.59
N ASN C 306 -41.07 14.22 9.99
CA ASN C 306 -41.57 15.30 10.85
C ASN C 306 -41.00 15.20 12.27
N LYS C 307 -41.20 16.24 13.09
CA LYS C 307 -40.66 16.28 14.46
C LYS C 307 -41.03 15.05 15.32
N ASP C 308 -40.00 14.39 15.84
CA ASP C 308 -40.15 13.24 16.74
C ASP C 308 -40.82 12.01 16.12
N GLU C 309 -41.12 12.09 14.82
CA GLU C 309 -41.84 11.01 14.16
C GLU C 309 -41.07 9.69 14.24
N LYS C 310 -41.79 8.64 14.63
CA LYS C 310 -41.25 7.28 14.60
C LYS C 310 -42.00 6.49 13.53
N SER C 311 -41.28 5.72 12.73
CA SER C 311 -41.94 4.99 11.64
C SER C 311 -41.35 3.60 11.39
N TRP C 312 -42.22 2.65 11.05
CA TRP C 312 -41.81 1.30 10.71
C TRP C 312 -42.20 0.97 9.28
N GLN C 313 -41.34 0.21 8.59
CA GLN C 313 -41.62 -0.14 7.21
C GLN C 313 -41.57 -1.64 6.98
N ALA C 314 -42.50 -2.13 6.16
CA ALA C 314 -42.44 -3.49 5.63
C ALA C 314 -42.40 -3.41 4.11
N ARG C 315 -41.52 -4.20 3.50
CA ARG C 315 -41.35 -4.09 2.06
C ARG C 315 -41.19 -5.44 1.40
N TYR C 316 -41.76 -5.56 0.22
CA TYR C 316 -41.65 -6.77 -0.58
C TYR C 316 -41.24 -6.47 -2.03
N ASP C 317 -40.36 -7.29 -2.58
CA ASP C 317 -39.92 -7.13 -3.96
C ASP C 317 -39.97 -8.48 -4.66
N TYR C 318 -40.41 -8.46 -5.91
CA TYR C 318 -40.29 -9.64 -6.74
C TYR C 318 -39.93 -9.27 -8.19
N ASN C 319 -39.01 -10.05 -8.76
CA ASN C 319 -38.60 -9.90 -10.15
C ASN C 319 -39.09 -11.10 -10.95
N PHE C 320 -39.67 -10.84 -12.11
CA PHE C 320 -40.34 -11.90 -12.86
C PHE C 320 -39.43 -12.75 -13.75
N ALA C 321 -38.15 -12.39 -13.83
CA ALA C 321 -37.22 -13.18 -14.63
C ALA C 321 -37.24 -14.63 -14.14
N GLY C 322 -37.67 -14.82 -12.89
CA GLY C 322 -37.79 -16.13 -12.30
C GLY C 322 -38.89 -16.97 -12.93
N VAL C 323 -40.00 -16.33 -13.29
CA VAL C 323 -41.09 -17.04 -13.93
C VAL C 323 -41.07 -16.83 -15.45
N GLY C 324 -40.00 -16.19 -15.93
CA GLY C 324 -39.83 -15.98 -17.36
C GLY C 324 -40.42 -14.69 -17.89
N ILE C 325 -40.50 -13.67 -17.04
CA ILE C 325 -41.01 -12.37 -17.46
C ILE C 325 -39.96 -11.31 -17.17
N PRO C 326 -38.81 -11.40 -17.86
CA PRO C 326 -37.64 -10.55 -17.63
C PRO C 326 -37.92 -9.07 -17.89
N GLY C 327 -37.63 -8.21 -16.93
CA GLY C 327 -37.88 -6.80 -17.09
C GLY C 327 -39.18 -6.38 -16.45
N LEU C 328 -39.92 -7.32 -15.90
CA LEU C 328 -41.15 -7.00 -15.19
C LEU C 328 -40.96 -7.17 -13.69
N THR C 329 -41.01 -6.06 -12.95
CA THR C 329 -40.80 -6.12 -11.51
C THR C 329 -42.00 -5.60 -10.72
N PHE C 330 -42.19 -6.18 -9.54
CA PHE C 330 -43.24 -5.75 -8.63
C PHE C 330 -42.68 -5.33 -7.27
N MET C 331 -43.23 -4.28 -6.71
CA MET C 331 -42.80 -3.88 -5.38
C MET C 331 -43.99 -3.35 -4.60
N THR C 332 -44.16 -3.85 -3.38
CA THR C 332 -45.11 -3.27 -2.46
C THR C 332 -44.45 -2.97 -1.11
N ARG C 333 -44.84 -1.86 -0.50
CA ARG C 333 -44.29 -1.46 0.80
C ARG C 333 -45.28 -0.66 1.65
N TYR C 334 -45.09 -0.73 2.96
CA TYR C 334 -46.00 -0.10 3.90
C TYR C 334 -45.21 0.57 5.02
N VAL C 335 -45.56 1.83 5.31
CA VAL C 335 -44.90 2.57 6.40
C VAL C 335 -45.97 3.20 7.29
N LYS C 336 -45.84 2.98 8.58
CA LYS C 336 -46.73 3.59 9.56
C LYS C 336 -45.87 4.48 10.44
N GLY C 337 -46.37 5.68 10.71
CA GLY C 337 -45.61 6.67 11.45
C GLY C 337 -46.44 7.36 12.51
N ASP C 338 -45.85 7.51 13.70
CA ASP C 338 -46.55 8.12 14.81
C ASP C 338 -45.63 9.05 15.60
N ASN C 339 -46.07 9.43 16.79
CA ASN C 339 -45.27 10.26 17.68
C ASN C 339 -45.00 11.65 17.10
N ILE C 340 -45.68 11.97 16.01
CA ILE C 340 -45.50 13.27 15.36
C ILE C 340 -45.97 14.41 16.26
N ASP C 341 -45.09 15.38 16.49
CA ASP C 341 -45.45 16.54 17.30
C ASP C 341 -46.21 17.56 16.46
N LEU C 342 -47.51 17.69 16.72
CA LEU C 342 -48.37 18.61 15.96
C LEU C 342 -47.98 20.08 16.20
N LEU C 343 -48.38 20.93 15.27
CA LEU C 343 -47.89 22.32 15.27
C LEU C 343 -48.94 23.28 15.81
N THR C 344 -48.83 23.60 17.10
CA THR C 344 -49.82 24.40 17.81
C THR C 344 -50.78 23.51 18.58
N THR C 345 -51.34 22.51 17.90
CA THR C 345 -52.26 21.58 18.54
C THR C 345 -51.48 20.66 19.47
N SER C 346 -52.22 19.99 20.36
CA SER C 346 -51.64 18.95 21.21
C SER C 346 -52.10 17.61 20.68
N GLY C 347 -51.48 16.54 21.17
CA GLY C 347 -51.79 15.21 20.70
C GLY C 347 -50.74 14.68 19.74
N GLU C 348 -50.90 13.42 19.37
CA GLU C 348 -49.92 12.72 18.55
C GLU C 348 -50.41 12.58 17.13
N GLY C 349 -49.61 13.03 16.17
CA GLY C 349 -49.99 12.94 14.78
C GLY C 349 -49.59 11.60 14.22
N LYS C 350 -50.49 11.01 13.42
CA LYS C 350 -50.22 9.71 12.80
C LYS C 350 -50.45 9.76 11.30
N GLU C 351 -49.71 8.92 10.58
CA GLU C 351 -49.90 8.78 9.15
C GLU C 351 -49.41 7.41 8.71
N TRP C 352 -49.99 6.91 7.63
CA TRP C 352 -49.49 5.67 7.02
C TRP C 352 -49.60 5.72 5.51
N GLU C 353 -48.72 4.98 4.84
CA GLU C 353 -48.69 4.97 3.40
C GLU C 353 -48.45 3.57 2.85
N ARG C 354 -49.18 3.22 1.80
CA ARG C 354 -48.92 2.00 1.06
C ARG C 354 -48.51 2.34 -0.37
N ASP C 355 -47.35 1.84 -0.80
CA ASP C 355 -46.90 2.04 -2.17
C ASP C 355 -47.01 0.75 -2.94
N MET C 356 -47.05 0.85 -4.25
CA MET C 356 -47.07 -0.32 -5.11
C MET C 356 -46.46 0.04 -6.45
N ASP C 357 -45.33 -0.59 -6.78
CA ASP C 357 -44.66 -0.34 -8.05
C ASP C 357 -44.81 -1.54 -9.00
N ILE C 358 -45.18 -1.25 -10.24
CA ILE C 358 -45.14 -2.24 -11.34
C ILE C 358 -44.36 -1.56 -12.43
N ALA C 359 -43.34 -2.20 -12.98
CA ALA C 359 -42.50 -1.53 -13.96
C ALA C 359 -42.07 -2.53 -15.00
N TYR C 360 -41.97 -2.10 -16.24
CA TYR C 360 -41.61 -3.02 -17.30
C TYR C 360 -40.62 -2.46 -18.32
N VAL C 361 -39.69 -3.32 -18.75
CA VAL C 361 -38.75 -2.98 -19.81
C VAL C 361 -38.86 -4.03 -20.92
N PHE C 362 -39.52 -3.65 -22.01
CA PHE C 362 -39.62 -4.54 -23.16
C PHE C 362 -38.21 -5.00 -23.55
N GLN C 363 -38.02 -6.31 -23.63
CA GLN C 363 -36.70 -6.88 -23.83
C GLN C 363 -36.42 -7.32 -25.28
N SER C 364 -37.20 -6.80 -26.23
CA SER C 364 -37.01 -7.13 -27.64
C SER C 364 -38.05 -6.48 -28.54
N GLY C 365 -37.85 -6.61 -29.85
CA GLY C 365 -38.79 -6.12 -30.84
C GLY C 365 -38.64 -4.64 -31.14
N PRO C 366 -39.73 -4.02 -31.63
CA PRO C 366 -39.79 -2.59 -31.91
C PRO C 366 -39.68 -1.76 -30.62
N ASN C 369 -35.97 -1.26 -25.91
CA ASN C 369 -35.69 -1.02 -24.49
C ASN C 369 -36.52 0.12 -23.90
N LEU C 370 -37.77 0.22 -24.33
CA LEU C 370 -38.69 1.25 -23.81
C LEU C 370 -39.07 1.00 -22.35
N GLY C 371 -39.01 2.06 -21.54
CA GLY C 371 -39.38 1.97 -20.14
C GLY C 371 -40.79 2.45 -19.84
N VAL C 372 -41.49 1.69 -19.00
CA VAL C 372 -42.79 2.07 -18.49
C VAL C 372 -42.93 1.62 -17.04
N LYS C 373 -43.29 2.55 -16.15
CA LYS C 373 -43.36 2.24 -14.73
C LYS C 373 -44.61 2.83 -14.10
N TRP C 374 -45.38 1.99 -13.42
CA TRP C 374 -46.55 2.44 -12.68
C TRP C 374 -46.24 2.57 -11.19
N ARG C 375 -46.59 3.73 -10.62
CA ARG C 375 -46.31 3.98 -9.21
C ARG C 375 -47.57 4.41 -8.47
N ASN C 376 -48.10 3.50 -7.67
CA ASN C 376 -49.32 3.73 -6.91
C ASN C 376 -49.09 3.88 -5.41
N ALA C 377 -49.55 4.99 -4.84
CA ALA C 377 -49.39 5.25 -3.41
C ALA C 377 -50.68 5.73 -2.75
N THR C 378 -50.91 5.26 -1.53
CA THR C 378 -51.94 5.82 -0.68
C THR C 378 -51.31 6.34 0.58
N MET C 379 -51.76 7.50 1.03
CA MET C 379 -51.27 8.05 2.27
C MET C 379 -52.45 8.58 3.08
N ARG C 380 -52.51 8.18 4.36
CA ARG C 380 -53.62 8.58 5.22
C ARG C 380 -53.07 9.11 6.53
N THR C 381 -53.77 10.08 7.10
CA THR C 381 -53.30 10.73 8.32
C THR C 381 -54.48 11.11 9.21
N ASN C 382 -54.18 11.30 10.50
CA ASN C 382 -55.18 11.79 11.44
C ASN C 382 -55.11 13.28 11.65
N TYR C 383 -54.18 13.95 10.95
CA TYR C 383 -53.90 15.36 11.24
C TYR C 383 -53.81 16.26 10.02
N THR C 384 -54.02 15.72 8.82
CA THR C 384 -53.96 16.56 7.62
C THR C 384 -54.61 15.95 6.38
N ASN C 385 -54.20 16.42 5.22
CA ASN C 385 -54.75 15.97 3.94
C ASN C 385 -54.42 14.50 3.68
N ASP C 386 -55.28 13.83 2.93
CA ASP C 386 -54.96 12.48 2.47
C ASP C 386 -54.70 12.54 0.97
N TYR C 387 -53.86 11.63 0.47
CA TYR C 387 -53.52 11.65 -0.95
C TYR C 387 -53.41 10.25 -1.51
N ASP C 388 -54.08 10.03 -2.63
CA ASP C 388 -53.74 8.89 -3.48
C ASP C 388 -52.94 9.51 -4.61
N GLU C 389 -52.21 8.68 -5.33
CA GLU C 389 -51.31 9.19 -6.36
C GLU C 389 -50.93 8.12 -7.38
N ASN C 390 -50.95 8.51 -8.65
CA ASN C 390 -50.43 7.65 -9.70
C ASN C 390 -49.44 8.39 -10.61
N ARG C 391 -48.27 7.80 -10.81
CA ARG C 391 -47.32 8.34 -11.75
C ARG C 391 -47.14 7.34 -12.89
N LEU C 392 -47.10 7.85 -14.12
CA LEU C 392 -46.87 7.00 -15.28
C LEU C 392 -45.64 7.47 -16.03
N ILE C 393 -44.54 6.72 -15.91
CA ILE C 393 -43.27 7.09 -16.51
C ILE C 393 -42.93 6.26 -17.74
N VAL C 394 -43.05 6.86 -18.93
CA VAL C 394 -42.67 6.17 -20.16
C VAL C 394 -41.32 6.69 -20.62
N SER C 395 -40.31 5.84 -20.56
CA SER C 395 -38.95 6.28 -20.88
C SER C 395 -38.33 5.47 -22.02
N TYR C 396 -37.57 6.16 -22.87
CA TYR C 396 -36.84 5.48 -23.95
C TYR C 396 -35.59 6.26 -24.32
N THR C 397 -34.46 5.55 -24.39
CA THR C 397 -33.19 6.20 -24.69
C THR C 397 -32.51 5.62 -25.91
N LEU C 398 -32.32 6.47 -26.92
CA LEU C 398 -31.70 6.05 -28.17
C LEU C 398 -30.28 6.58 -28.28
N PRO C 399 -29.30 5.67 -28.23
CA PRO C 399 -27.88 6.00 -28.43
C PRO C 399 -27.68 6.67 -29.78
N LEU C 400 -27.13 7.87 -29.77
CA LEU C 400 -26.79 8.56 -31.02
C LEU C 400 -25.50 7.98 -31.58
N TRP C 401 -24.75 7.33 -30.70
CA TRP C 401 -23.52 6.61 -31.08
C TRP C 401 -22.79 6.14 -29.83
#